data_1CI8
#
_entry.id   1CI8
#
_cell.length_a   82.922
_cell.length_b   82.922
_cell.length_c   193.460
_cell.angle_alpha   90.00
_cell.angle_beta   90.00
_cell.angle_gamma   120.00
#
_symmetry.space_group_name_H-M   'P 32 2 1'
#
loop_
_entity.id
_entity.type
_entity.pdbx_description
1 polymer 'PROTEIN (CARBOXYLESTERASE)'
2 non-polymer 'ISOPROPYL ALCOHOL'
3 water water
#
_entity_poly.entity_id   1
_entity_poly.type   'polypeptide(L)'
_entity_poly.pdbx_seq_one_letter_code
;MTAASLDPTAFSLDAASLAARLDAVFDQALRERRLVGAVAIVARHGEILYRRAQGLADREAGRPMREDTLFRLASVTKPI
VALAVLRLVARGELALDAPVTRWLPEFRPRLADGSEPLVTIHHLLTHTSGLGYWLLEGAGSVYDRLGISDGIDLRDFDLD
ENLRRLASAPLSFAPGSGWQYSLALDVLGAVVERATGQPLAAAVDALVAQPLGMRDCGFVSAEPERFAVPYHDGQPEPVR
MRDGIEVPLPEGHGAAVRFAPSRVFEPGAYPSGGAGMYGSADDVLRALEAIRANPGFLPETLADAARRDQAGVGAETRGP
GWGFGYLSAVLDDPAAAGTPQHAGTLQWGGVYGHSWFVDRALGLSVLLLTNTAYEGMSGPLTIALRDAVYAR
;
_entity_poly.pdbx_strand_id   A,B
#
# COMPACT_ATOMS: atom_id res chain seq x y z
N ALA A 15 -1.28 20.93 -8.60
CA ALA A 15 -1.65 19.90 -7.59
C ALA A 15 -2.92 20.25 -6.79
N ALA A 16 -2.92 21.41 -6.15
CA ALA A 16 -4.06 21.86 -5.34
C ALA A 16 -5.33 22.13 -6.15
N SER A 17 -5.18 22.87 -7.24
CA SER A 17 -6.34 23.18 -8.07
C SER A 17 -6.84 21.94 -8.79
N LEU A 18 -5.91 21.10 -9.24
CA LEU A 18 -6.27 19.87 -9.95
C LEU A 18 -7.01 18.96 -9.00
N ALA A 19 -6.47 18.83 -7.79
CA ALA A 19 -7.04 17.98 -6.76
C ALA A 19 -8.45 18.44 -6.44
N ALA A 20 -8.67 19.74 -6.37
CA ALA A 20 -10.00 20.28 -6.07
C ALA A 20 -10.97 19.90 -7.17
N ARG A 21 -10.55 20.06 -8.42
CA ARG A 21 -11.42 19.73 -9.55
C ARG A 21 -11.69 18.24 -9.64
N LEU A 22 -10.65 17.43 -9.51
CA LEU A 22 -10.86 15.99 -9.58
C LEU A 22 -11.78 15.53 -8.44
N ASP A 23 -11.55 16.06 -7.24
CA ASP A 23 -12.34 15.72 -6.08
C ASP A 23 -13.81 16.09 -6.21
N ALA A 24 -14.08 17.18 -6.92
CA ALA A 24 -15.47 17.62 -7.11
C ALA A 24 -16.20 16.61 -8.01
N VAL A 25 -15.50 16.16 -9.05
CA VAL A 25 -16.07 15.19 -9.96
C VAL A 25 -16.39 13.90 -9.20
N PHE A 26 -15.42 13.43 -8.41
CA PHE A 26 -15.58 12.21 -7.63
C PHE A 26 -16.71 12.30 -6.61
N ASP A 27 -16.80 13.43 -5.91
CA ASP A 27 -17.83 13.61 -4.89
C ASP A 27 -19.22 13.54 -5.49
N GLN A 28 -19.36 14.10 -6.68
CA GLN A 28 -20.63 14.09 -7.37
C GLN A 28 -21.02 12.69 -7.82
N ALA A 29 -20.05 11.93 -8.33
CA ALA A 29 -20.29 10.55 -8.79
C ALA A 29 -20.70 9.62 -7.64
N LEU A 30 -20.04 9.78 -6.50
CA LEU A 30 -20.30 8.99 -5.31
C LEU A 30 -21.70 9.36 -4.78
N ARG A 31 -21.95 10.66 -4.71
CA ARG A 31 -23.22 11.21 -4.25
C ARG A 31 -24.38 10.67 -5.06
N GLU A 32 -24.21 10.65 -6.38
CA GLU A 32 -25.24 10.19 -7.31
C GLU A 32 -25.25 8.67 -7.48
N ARG A 33 -24.41 7.99 -6.70
CA ARG A 33 -24.33 6.53 -6.75
C ARG A 33 -24.01 5.90 -8.09
N ARG A 34 -23.14 6.56 -8.84
CA ARG A 34 -22.68 6.08 -10.14
C ARG A 34 -21.32 5.40 -9.93
N LEU A 35 -20.78 5.50 -8.71
CA LEU A 35 -19.47 4.93 -8.39
C LEU A 35 -19.42 4.41 -6.98
N VAL A 36 -18.94 3.19 -6.78
CA VAL A 36 -18.80 2.70 -5.42
C VAL A 36 -17.45 3.18 -4.86
N GLY A 37 -16.36 2.86 -5.59
CA GLY A 37 -15.03 3.27 -5.16
C GLY A 37 -14.05 3.32 -6.32
N ALA A 38 -12.95 4.06 -6.16
CA ALA A 38 -11.94 4.20 -7.21
C ALA A 38 -10.60 4.70 -6.67
N VAL A 39 -9.56 4.53 -7.49
CA VAL A 39 -8.22 5.01 -7.19
C VAL A 39 -7.74 5.67 -8.49
N ALA A 40 -7.44 6.96 -8.41
CA ALA A 40 -7.02 7.70 -9.58
C ALA A 40 -5.67 8.34 -9.34
N ILE A 41 -4.84 8.34 -10.36
CA ILE A 41 -3.53 8.94 -10.25
C ILE A 41 -3.28 9.81 -11.47
N VAL A 42 -2.67 10.97 -11.24
CA VAL A 42 -2.29 11.86 -12.33
C VAL A 42 -0.84 12.20 -12.10
N ALA A 43 -0.01 11.93 -13.10
CA ALA A 43 1.41 12.28 -13.06
C ALA A 43 1.76 13.15 -14.29
N ARG A 44 2.68 14.10 -14.11
CA ARG A 44 3.11 14.92 -15.23
C ARG A 44 4.63 14.94 -15.26
N HIS A 45 5.21 14.44 -16.33
CA HIS A 45 6.64 14.39 -16.46
C HIS A 45 7.30 13.70 -15.28
N GLY A 46 6.62 12.66 -14.77
CA GLY A 46 7.15 11.88 -13.67
C GLY A 46 6.79 12.35 -12.27
N GLU A 47 6.16 13.50 -12.15
CA GLU A 47 5.79 14.02 -10.84
C GLU A 47 4.35 13.66 -10.56
N ILE A 48 4.09 12.98 -9.44
CA ILE A 48 2.72 12.63 -9.07
C ILE A 48 1.99 13.89 -8.63
N LEU A 49 0.92 14.23 -9.32
CA LEU A 49 0.16 15.41 -8.98
C LEU A 49 -1.07 15.05 -8.15
N TYR A 50 -1.63 13.88 -8.43
CA TYR A 50 -2.83 13.42 -7.73
C TYR A 50 -2.75 11.92 -7.65
N ARG A 51 -2.95 11.39 -6.45
CA ARG A 51 -2.95 9.95 -6.17
C ARG A 51 -3.99 9.83 -5.07
N ARG A 52 -5.23 9.57 -5.46
CA ARG A 52 -6.27 9.51 -4.44
C ARG A 52 -7.27 8.40 -4.51
N ALA A 53 -7.51 7.79 -3.35
CA ALA A 53 -8.46 6.72 -3.22
C ALA A 53 -9.79 7.41 -2.95
N GLN A 54 -10.88 6.86 -3.48
CA GLN A 54 -12.19 7.45 -3.31
C GLN A 54 -13.25 6.37 -3.04
N GLY A 55 -14.15 6.64 -2.09
CA GLY A 55 -15.21 5.69 -1.81
C GLY A 55 -14.86 4.41 -1.07
N LEU A 56 -15.54 3.34 -1.45
CA LEU A 56 -15.38 2.07 -0.78
C LEU A 56 -14.87 0.95 -1.66
N ALA A 57 -14.06 0.07 -1.08
CA ALA A 57 -13.55 -1.09 -1.83
C ALA A 57 -14.60 -2.19 -1.74
N ASP A 58 -15.23 -2.27 -0.58
CA ASP A 58 -16.28 -3.24 -0.30
C ASP A 58 -17.35 -2.45 0.43
N ARG A 59 -18.40 -2.08 -0.28
CA ARG A 59 -19.48 -1.32 0.30
C ARG A 59 -20.18 -2.08 1.42
N GLU A 60 -20.53 -3.34 1.17
CA GLU A 60 -21.27 -4.13 2.15
C GLU A 60 -20.53 -4.34 3.46
N ALA A 61 -19.20 -4.39 3.40
CA ALA A 61 -18.38 -4.60 4.60
C ALA A 61 -17.90 -3.27 5.13
N GLY A 62 -18.22 -2.21 4.39
CA GLY A 62 -17.80 -0.87 4.79
C GLY A 62 -16.29 -0.68 4.74
N ARG A 63 -15.61 -1.45 3.89
CA ARG A 63 -14.16 -1.32 3.77
C ARG A 63 -13.85 -0.22 2.77
N PRO A 64 -13.16 0.85 3.20
CA PRO A 64 -12.86 1.92 2.26
C PRO A 64 -11.78 1.59 1.25
N MET A 65 -11.80 2.32 0.16
CA MET A 65 -10.80 2.16 -0.89
C MET A 65 -9.49 2.74 -0.32
N ARG A 66 -8.38 2.11 -0.67
CA ARG A 66 -7.05 2.52 -0.25
C ARG A 66 -6.21 2.72 -1.51
N GLU A 67 -5.20 3.58 -1.43
CA GLU A 67 -4.32 3.84 -2.58
C GLU A 67 -3.66 2.57 -3.13
N ASP A 68 -3.45 1.57 -2.27
CA ASP A 68 -2.81 0.33 -2.67
C ASP A 68 -3.78 -0.81 -2.92
N THR A 69 -5.08 -0.52 -2.99
CA THR A 69 -6.08 -1.56 -3.23
C THR A 69 -5.79 -2.27 -4.55
N LEU A 70 -5.95 -3.58 -4.55
CA LEU A 70 -5.74 -4.40 -5.73
C LEU A 70 -7.02 -4.43 -6.59
N PHE A 71 -6.83 -4.39 -7.91
CA PHE A 71 -7.95 -4.42 -8.85
C PHE A 71 -7.76 -5.52 -9.88
N ARG A 72 -8.85 -6.10 -10.35
CA ARG A 72 -8.76 -7.09 -11.43
C ARG A 72 -8.63 -6.12 -12.62
N LEU A 73 -7.52 -6.17 -13.32
CA LEU A 73 -7.26 -5.24 -14.41
C LEU A 73 -8.02 -5.37 -15.75
N ALA A 74 -8.60 -6.53 -16.05
CA ALA A 74 -9.28 -6.72 -17.32
C ALA A 74 -8.25 -6.34 -18.41
N SER A 75 -8.64 -5.53 -19.39
CA SER A 75 -7.72 -5.18 -20.47
C SER A 75 -6.58 -4.24 -20.12
N VAL A 76 -6.47 -3.84 -18.86
CA VAL A 76 -5.34 -3.00 -18.47
C VAL A 76 -4.15 -3.98 -18.45
N THR A 77 -4.45 -5.26 -18.59
CA THR A 77 -3.45 -6.32 -18.63
C THR A 77 -2.67 -6.26 -19.95
N LYS A 78 -3.35 -5.86 -21.02
CA LYS A 78 -2.74 -5.79 -22.34
C LYS A 78 -1.45 -5.00 -22.43
N PRO A 79 -1.43 -3.71 -22.01
CA PRO A 79 -0.14 -3.03 -22.13
C PRO A 79 0.99 -3.72 -21.38
N ILE A 80 0.66 -4.36 -20.26
CA ILE A 80 1.67 -5.06 -19.48
C ILE A 80 2.18 -6.30 -20.24
N VAL A 81 1.26 -7.09 -20.79
CA VAL A 81 1.61 -8.28 -21.55
C VAL A 81 2.30 -7.90 -22.87
N ALA A 82 1.86 -6.79 -23.45
CA ALA A 82 2.39 -6.25 -24.69
C ALA A 82 3.85 -5.88 -24.44
N LEU A 83 4.13 -5.27 -23.30
CA LEU A 83 5.50 -4.92 -22.93
C LEU A 83 6.37 -6.17 -22.79
N ALA A 84 5.79 -7.26 -22.27
CA ALA A 84 6.53 -8.51 -22.11
C ALA A 84 6.96 -9.01 -23.47
N VAL A 85 6.01 -9.01 -24.42
CA VAL A 85 6.23 -9.44 -25.80
C VAL A 85 7.36 -8.62 -26.41
N LEU A 86 7.23 -7.30 -26.27
CA LEU A 86 8.20 -6.34 -26.80
C LEU A 86 9.60 -6.54 -26.24
N ARG A 87 9.71 -6.91 -24.96
CA ARG A 87 11.01 -7.15 -24.33
C ARG A 87 11.65 -8.38 -24.98
N LEU A 88 10.85 -9.40 -25.28
CA LEU A 88 11.38 -10.59 -25.92
C LEU A 88 11.81 -10.23 -27.35
N VAL A 89 11.11 -9.29 -27.98
CA VAL A 89 11.46 -8.88 -29.33
C VAL A 89 12.82 -8.20 -29.25
N ALA A 90 12.96 -7.25 -28.31
CA ALA A 90 14.22 -6.53 -28.13
C ALA A 90 15.43 -7.46 -27.95
N ARG A 91 15.21 -8.62 -27.32
CA ARG A 91 16.27 -9.61 -27.09
C ARG A 91 16.41 -10.60 -28.24
N GLY A 92 15.59 -10.44 -29.26
CA GLY A 92 15.67 -11.34 -30.39
C GLY A 92 14.99 -12.68 -30.16
N GLU A 93 14.23 -12.82 -29.07
CA GLU A 93 13.52 -14.05 -28.77
C GLU A 93 12.25 -14.18 -29.63
N LEU A 94 11.69 -13.02 -29.98
CA LEU A 94 10.51 -12.94 -30.83
C LEU A 94 10.90 -11.92 -31.88
N ALA A 95 10.11 -11.86 -32.95
CA ALA A 95 10.37 -10.93 -34.04
C ALA A 95 9.03 -10.42 -34.51
N LEU A 96 8.93 -9.12 -34.76
CA LEU A 96 7.68 -8.52 -35.20
C LEU A 96 7.04 -9.17 -36.42
N ASP A 97 7.86 -9.61 -37.37
CA ASP A 97 7.27 -10.22 -38.56
C ASP A 97 7.26 -11.74 -38.61
N ALA A 98 7.71 -12.34 -37.51
CA ALA A 98 7.73 -13.79 -37.37
C ALA A 98 6.29 -14.30 -37.26
N PRO A 99 6.00 -15.45 -37.89
CA PRO A 99 4.67 -16.05 -37.87
C PRO A 99 4.34 -16.61 -36.50
N VAL A 100 3.09 -16.52 -36.07
CA VAL A 100 2.69 -17.02 -34.76
C VAL A 100 2.95 -18.53 -34.66
N THR A 101 3.01 -19.19 -35.81
CA THR A 101 3.23 -20.64 -35.86
C THR A 101 4.64 -21.07 -35.46
N ARG A 102 5.59 -20.14 -35.42
CA ARG A 102 6.97 -20.45 -35.02
C ARG A 102 6.94 -20.93 -33.57
N TRP A 103 5.95 -20.44 -32.82
CA TRP A 103 5.78 -20.78 -31.40
C TRP A 103 4.51 -21.58 -31.16
N LEU A 104 3.47 -21.31 -31.94
CA LEU A 104 2.21 -22.04 -31.79
C LEU A 104 1.91 -22.75 -33.12
N PRO A 105 2.66 -23.83 -33.43
CA PRO A 105 2.53 -24.63 -34.66
C PRO A 105 1.11 -24.92 -35.07
N GLU A 106 0.27 -25.21 -34.08
CA GLU A 106 -1.10 -25.54 -34.32
C GLU A 106 -2.04 -24.35 -34.46
N PHE A 107 -1.63 -23.15 -34.04
CA PHE A 107 -2.53 -22.03 -34.18
C PHE A 107 -2.60 -21.63 -35.64
N ARG A 108 -3.55 -22.21 -36.38
CA ARG A 108 -3.68 -21.96 -37.81
C ARG A 108 -5.08 -21.56 -38.27
N PRO A 109 -5.52 -20.36 -37.87
CA PRO A 109 -6.83 -19.82 -38.23
C PRO A 109 -6.95 -19.69 -39.76
N ARG A 110 -8.17 -19.71 -40.30
CA ARG A 110 -8.34 -19.63 -41.74
C ARG A 110 -9.27 -18.53 -42.20
N LEU A 111 -9.03 -18.01 -43.40
CA LEU A 111 -9.91 -16.96 -43.92
C LEU A 111 -11.17 -17.68 -44.35
N ALA A 112 -12.22 -16.93 -44.66
CA ALA A 112 -13.46 -17.55 -45.07
C ALA A 112 -13.28 -18.40 -46.36
N ASP A 113 -12.15 -18.13 -47.02
CA ASP A 113 -11.69 -18.76 -48.26
C ASP A 113 -11.17 -20.18 -48.08
N GLY A 114 -10.75 -20.49 -46.86
CA GLY A 114 -10.24 -21.83 -46.59
C GLY A 114 -8.75 -21.91 -46.46
N SER A 115 -8.05 -20.83 -46.80
CA SER A 115 -6.57 -20.79 -46.74
C SER A 115 -6.02 -20.33 -45.38
N GLU A 116 -4.75 -20.61 -45.13
CA GLU A 116 -4.07 -20.23 -43.89
C GLU A 116 -3.12 -19.07 -44.13
N PRO A 117 -3.60 -17.84 -43.86
CA PRO A 117 -2.75 -16.65 -44.07
C PRO A 117 -1.71 -16.54 -42.97
N LEU A 118 -0.66 -15.79 -43.22
CA LEU A 118 0.36 -15.60 -42.20
C LEU A 118 -0.14 -14.68 -41.12
N VAL A 119 0.10 -15.05 -39.87
CA VAL A 119 -0.28 -14.23 -38.73
C VAL A 119 1.01 -13.93 -37.96
N THR A 120 1.45 -12.67 -38.02
CA THR A 120 2.69 -12.26 -37.35
C THR A 120 2.47 -11.68 -35.95
N ILE A 121 3.56 -11.45 -35.25
CA ILE A 121 3.52 -10.85 -33.92
C ILE A 121 2.92 -9.44 -34.06
N HIS A 122 3.29 -8.77 -35.15
CA HIS A 122 2.80 -7.44 -35.46
C HIS A 122 1.30 -7.45 -35.64
N HIS A 123 0.80 -8.47 -36.35
CA HIS A 123 -0.64 -8.62 -36.58
C HIS A 123 -1.43 -8.71 -35.29
N LEU A 124 -0.93 -9.51 -34.36
CA LEU A 124 -1.57 -9.71 -33.06
C LEU A 124 -1.52 -8.46 -32.15
N LEU A 125 -0.34 -7.88 -31.97
CA LEU A 125 -0.17 -6.70 -31.14
C LEU A 125 -1.06 -5.56 -31.61
N THR A 126 -1.16 -5.39 -32.92
CA THR A 126 -1.99 -4.33 -33.48
C THR A 126 -3.48 -4.64 -33.52
N HIS A 127 -3.86 -5.91 -33.34
CA HIS A 127 -5.25 -6.36 -33.43
C HIS A 127 -5.70 -6.27 -34.90
N THR A 128 -4.80 -6.62 -35.82
CA THR A 128 -5.13 -6.57 -37.26
C THR A 128 -5.06 -7.97 -37.88
N SER A 129 -4.93 -9.01 -37.06
CA SER A 129 -4.84 -10.37 -37.56
C SER A 129 -6.15 -10.95 -38.10
N GLY A 130 -7.28 -10.36 -37.73
CA GLY A 130 -8.55 -10.88 -38.19
C GLY A 130 -9.32 -11.56 -37.08
N LEU A 131 -8.66 -11.79 -35.94
CA LEU A 131 -9.29 -12.43 -34.78
C LEU A 131 -10.32 -11.49 -34.15
N GLY A 132 -11.13 -12.04 -33.24
CA GLY A 132 -12.13 -11.23 -32.59
C GLY A 132 -12.32 -11.60 -31.13
N TYR A 133 -13.52 -11.37 -30.63
CA TYR A 133 -13.88 -11.63 -29.25
C TYR A 133 -15.33 -12.08 -29.25
N TRP A 134 -15.74 -12.83 -28.23
CA TRP A 134 -17.12 -13.28 -28.14
C TRP A 134 -18.03 -12.05 -27.98
N LEU A 135 -17.51 -11.00 -27.36
CA LEU A 135 -18.27 -9.78 -27.10
C LEU A 135 -18.69 -9.06 -28.37
N LEU A 136 -17.93 -9.25 -29.44
CA LEU A 136 -18.27 -8.58 -30.69
C LEU A 136 -19.71 -8.87 -31.13
N GLU A 137 -20.15 -10.12 -31.03
CA GLU A 137 -21.52 -10.51 -31.40
C GLU A 137 -22.37 -11.17 -30.29
N GLY A 138 -21.68 -11.70 -29.28
CA GLY A 138 -22.40 -12.32 -28.17
C GLY A 138 -23.08 -13.63 -28.48
N ALA A 139 -24.19 -13.87 -27.79
CA ALA A 139 -24.94 -15.11 -27.95
C ALA A 139 -25.39 -15.38 -29.37
N GLY A 140 -25.23 -16.63 -29.79
CA GLY A 140 -25.64 -16.99 -31.12
C GLY A 140 -24.50 -16.95 -32.11
N SER A 141 -23.58 -16.02 -31.89
CA SER A 141 -22.40 -15.83 -32.76
C SER A 141 -21.60 -17.08 -33.08
N VAL A 142 -20.57 -16.88 -33.90
CA VAL A 142 -19.70 -17.99 -34.25
C VAL A 142 -18.89 -18.34 -33.02
N TYR A 143 -18.34 -17.33 -32.35
CA TYR A 143 -17.54 -17.57 -31.14
C TYR A 143 -18.35 -18.28 -30.05
N ASP A 144 -19.64 -17.94 -29.98
CA ASP A 144 -20.55 -18.55 -29.01
C ASP A 144 -20.64 -20.03 -29.32
N ARG A 145 -20.85 -20.36 -30.60
CA ARG A 145 -20.98 -21.75 -31.04
C ARG A 145 -19.72 -22.55 -30.72
N LEU A 146 -18.56 -21.93 -30.87
CA LEU A 146 -17.29 -22.62 -30.60
C LEU A 146 -16.88 -22.58 -29.12
N GLY A 147 -17.66 -21.90 -28.29
CA GLY A 147 -17.36 -21.81 -26.86
C GLY A 147 -16.06 -21.09 -26.52
N ILE A 148 -15.76 -20.05 -27.29
CA ILE A 148 -14.53 -19.28 -27.09
C ILE A 148 -14.76 -18.33 -25.92
N SER A 149 -13.78 -18.25 -25.04
CA SER A 149 -13.87 -17.40 -23.86
C SER A 149 -13.08 -16.09 -24.04
N ASP A 150 -13.60 -14.98 -23.53
CA ASP A 150 -12.90 -13.68 -23.60
C ASP A 150 -11.94 -13.46 -22.43
N GLY A 151 -11.84 -14.45 -21.55
CA GLY A 151 -10.93 -14.35 -20.43
C GLY A 151 -11.38 -13.65 -19.15
N ILE A 152 -12.63 -13.18 -19.07
CA ILE A 152 -13.14 -12.51 -17.85
C ILE A 152 -13.99 -13.49 -17.01
N ASP A 153 -14.58 -14.48 -17.69
CA ASP A 153 -15.39 -15.51 -17.05
C ASP A 153 -14.51 -16.66 -16.56
N LEU A 154 -15.09 -17.59 -15.81
CA LEU A 154 -14.34 -18.73 -15.30
C LEU A 154 -14.80 -19.99 -16.05
N ARG A 155 -13.86 -20.67 -16.71
CA ARG A 155 -14.18 -21.84 -17.50
C ARG A 155 -13.32 -23.03 -17.13
N ASP A 156 -13.84 -24.25 -17.24
CA ASP A 156 -13.05 -25.42 -16.86
C ASP A 156 -12.17 -26.04 -17.96
N PHE A 157 -11.28 -25.22 -18.49
CA PHE A 157 -10.33 -25.64 -19.50
C PHE A 157 -9.19 -24.66 -19.47
N ASP A 158 -8.03 -25.05 -20.00
CA ASP A 158 -6.85 -24.20 -20.02
C ASP A 158 -6.72 -23.30 -21.23
N LEU A 159 -5.63 -22.51 -21.26
CA LEU A 159 -5.36 -21.58 -22.35
C LEU A 159 -5.25 -22.25 -23.71
N ASP A 160 -4.50 -23.34 -23.78
CA ASP A 160 -4.32 -24.06 -25.03
C ASP A 160 -5.63 -24.53 -25.66
N GLU A 161 -6.60 -24.90 -24.81
CA GLU A 161 -7.91 -25.34 -25.28
C GLU A 161 -8.70 -24.16 -25.80
N ASN A 162 -8.63 -23.04 -25.11
CA ASN A 162 -9.34 -21.86 -25.60
C ASN A 162 -8.78 -21.40 -26.96
N LEU A 163 -7.47 -21.51 -27.12
CA LEU A 163 -6.80 -21.12 -28.34
C LEU A 163 -7.11 -22.10 -29.47
N ARG A 164 -7.23 -23.39 -29.11
CA ARG A 164 -7.56 -24.40 -30.09
C ARG A 164 -8.97 -24.08 -30.59
N ARG A 165 -9.86 -23.63 -29.70
CA ARG A 165 -11.21 -23.29 -30.13
C ARG A 165 -11.19 -22.03 -30.98
N LEU A 166 -10.33 -21.08 -30.59
CA LEU A 166 -10.18 -19.80 -31.28
C LEU A 166 -9.71 -20.00 -32.72
N ALA A 167 -8.66 -20.80 -32.87
CA ALA A 167 -8.06 -21.08 -34.18
C ALA A 167 -9.01 -21.79 -35.13
N SER A 168 -10.00 -22.49 -34.59
CA SER A 168 -10.95 -23.20 -35.43
C SER A 168 -12.00 -22.25 -36.00
N ALA A 169 -12.00 -21.00 -35.53
CA ALA A 169 -12.94 -20.00 -36.04
C ALA A 169 -12.30 -19.32 -37.27
N PRO A 170 -13.11 -18.87 -38.24
CA PRO A 170 -12.48 -18.21 -39.39
C PRO A 170 -12.14 -16.76 -39.04
N LEU A 171 -11.11 -16.22 -39.68
CA LEU A 171 -10.73 -14.83 -39.44
C LEU A 171 -11.81 -13.94 -40.05
N SER A 172 -12.00 -12.74 -39.51
CA SER A 172 -13.01 -11.83 -40.04
C SER A 172 -12.56 -11.12 -41.30
N PHE A 173 -11.25 -11.06 -41.49
CA PHE A 173 -10.67 -10.42 -42.66
C PHE A 173 -9.24 -10.91 -42.74
N ALA A 174 -8.55 -10.55 -43.81
CA ALA A 174 -7.17 -10.94 -44.02
C ALA A 174 -6.25 -10.17 -43.08
N PRO A 175 -5.28 -10.86 -42.45
CA PRO A 175 -4.37 -10.17 -41.55
C PRO A 175 -3.80 -8.88 -42.17
N GLY A 176 -3.86 -7.80 -41.42
CA GLY A 176 -3.32 -6.54 -41.92
C GLY A 176 -4.30 -5.78 -42.78
N SER A 177 -5.43 -6.39 -43.10
CA SER A 177 -6.49 -5.80 -43.94
C SER A 177 -7.40 -4.84 -43.17
N GLY A 178 -7.46 -4.99 -41.85
CA GLY A 178 -8.34 -4.11 -41.09
C GLY A 178 -8.01 -4.15 -39.61
N TRP A 179 -8.90 -3.60 -38.79
CA TRP A 179 -8.70 -3.59 -37.35
C TRP A 179 -9.95 -4.10 -36.63
N GLN A 180 -9.72 -4.91 -35.59
CA GLN A 180 -10.81 -5.46 -34.81
C GLN A 180 -10.29 -5.98 -33.47
N TYR A 181 -10.89 -5.48 -32.39
CA TYR A 181 -10.53 -5.86 -31.03
C TYR A 181 -10.58 -7.39 -30.93
N SER A 182 -9.61 -7.99 -30.28
CA SER A 182 -9.57 -9.44 -30.27
C SER A 182 -8.82 -10.07 -29.10
N LEU A 183 -8.82 -11.40 -29.14
CA LEU A 183 -8.13 -12.26 -28.19
C LEU A 183 -6.65 -12.39 -28.55
N ALA A 184 -6.12 -11.52 -29.41
CA ALA A 184 -4.72 -11.57 -29.83
C ALA A 184 -3.66 -11.57 -28.70
N LEU A 185 -3.91 -10.80 -27.64
CA LEU A 185 -2.98 -10.74 -26.52
C LEU A 185 -2.98 -12.05 -25.73
N ASP A 186 -4.12 -12.74 -25.77
CA ASP A 186 -4.25 -14.06 -25.15
C ASP A 186 -3.39 -15.03 -25.93
N VAL A 187 -3.46 -14.89 -27.26
CA VAL A 187 -2.65 -15.70 -28.17
C VAL A 187 -1.19 -15.39 -27.86
N LEU A 188 -0.87 -14.11 -27.72
CA LEU A 188 0.51 -13.68 -27.44
C LEU A 188 0.96 -14.21 -26.10
N GLY A 189 0.01 -14.33 -25.17
CA GLY A 189 0.31 -14.86 -23.86
C GLY A 189 0.91 -16.25 -23.96
N ALA A 190 0.33 -17.07 -24.83
CA ALA A 190 0.80 -18.44 -25.05
C ALA A 190 2.17 -18.42 -25.69
N VAL A 191 2.31 -17.54 -26.68
CA VAL A 191 3.55 -17.34 -27.41
C VAL A 191 4.66 -17.04 -26.42
N VAL A 192 4.40 -16.14 -25.47
CA VAL A 192 5.39 -15.77 -24.47
C VAL A 192 5.81 -16.97 -23.62
N GLU A 193 4.85 -17.83 -23.27
CA GLU A 193 5.14 -19.02 -22.48
C GLU A 193 6.10 -19.94 -23.22
N ARG A 194 5.90 -20.06 -24.54
CA ARG A 194 6.75 -20.91 -25.36
C ARG A 194 8.19 -20.35 -25.51
N ALA A 195 8.26 -19.07 -25.82
CA ALA A 195 9.54 -18.39 -26.02
C ALA A 195 10.39 -18.40 -24.74
N THR A 196 9.75 -18.31 -23.58
CA THR A 196 10.49 -18.29 -22.33
C THR A 196 10.58 -19.64 -21.59
N GLY A 197 9.67 -20.56 -21.89
CA GLY A 197 9.66 -21.84 -21.21
C GLY A 197 9.21 -21.66 -19.77
N GLN A 198 8.38 -20.64 -19.54
CA GLN A 198 7.83 -20.29 -18.21
C GLN A 198 6.33 -20.01 -18.29
N PRO A 199 5.58 -20.23 -17.18
CA PRO A 199 4.14 -19.92 -17.27
C PRO A 199 4.05 -18.38 -17.42
N LEU A 200 2.95 -17.90 -17.99
CA LEU A 200 2.77 -16.47 -18.24
C LEU A 200 3.05 -15.57 -17.04
N ALA A 201 2.55 -15.92 -15.87
CA ALA A 201 2.78 -15.11 -14.67
C ALA A 201 4.27 -14.90 -14.36
N ALA A 202 5.06 -15.96 -14.51
CA ALA A 202 6.49 -15.88 -14.26
C ALA A 202 7.20 -15.06 -15.32
N ALA A 203 6.78 -15.25 -16.57
CA ALA A 203 7.37 -14.54 -17.68
C ALA A 203 7.16 -13.03 -17.55
N VAL A 204 5.92 -12.63 -17.31
CA VAL A 204 5.57 -11.22 -17.16
C VAL A 204 6.37 -10.62 -15.99
N ASP A 205 6.40 -11.36 -14.87
CA ASP A 205 7.11 -10.93 -13.68
C ASP A 205 8.59 -10.74 -14.03
N ALA A 206 9.15 -11.67 -14.78
CA ALA A 206 10.56 -11.59 -15.18
C ALA A 206 10.91 -10.48 -16.16
N LEU A 207 10.08 -10.35 -17.20
CA LEU A 207 10.27 -9.38 -18.27
C LEU A 207 9.84 -7.97 -17.97
N VAL A 208 8.83 -7.80 -17.12
CA VAL A 208 8.29 -6.49 -16.84
C VAL A 208 8.18 -6.07 -15.39
N ALA A 209 7.38 -6.78 -14.62
CA ALA A 209 7.13 -6.44 -13.22
C ALA A 209 8.38 -6.25 -12.35
N GLN A 210 9.32 -7.20 -12.40
CA GLN A 210 10.55 -7.07 -11.63
C GLN A 210 11.38 -5.86 -12.07
N PRO A 211 11.71 -5.74 -13.37
CA PRO A 211 12.50 -4.56 -13.76
C PRO A 211 11.85 -3.21 -13.48
N LEU A 212 10.52 -3.11 -13.56
CA LEU A 212 9.83 -1.84 -13.27
C LEU A 212 9.39 -1.67 -11.80
N GLY A 213 9.79 -2.60 -10.95
CA GLY A 213 9.43 -2.49 -9.54
C GLY A 213 7.96 -2.65 -9.22
N MET A 214 7.25 -3.34 -10.10
CA MET A 214 5.84 -3.62 -9.91
C MET A 214 5.76 -4.83 -8.99
N ARG A 215 5.53 -4.57 -7.71
CA ARG A 215 5.50 -5.66 -6.73
C ARG A 215 4.12 -6.19 -6.32
N ASP A 216 3.05 -5.53 -6.76
CA ASP A 216 1.70 -5.96 -6.39
C ASP A 216 0.78 -6.36 -7.55
N CYS A 217 1.36 -7.00 -8.57
CA CYS A 217 0.61 -7.47 -9.72
C CYS A 217 0.86 -8.94 -9.96
N GLY A 218 0.01 -9.52 -10.80
CA GLY A 218 0.11 -10.93 -11.13
C GLY A 218 -1.15 -11.43 -11.83
N PHE A 219 -1.31 -12.75 -11.86
CA PHE A 219 -2.45 -13.40 -12.48
C PHE A 219 -3.36 -14.08 -11.47
N VAL A 220 -2.80 -14.71 -10.44
CA VAL A 220 -3.59 -15.39 -9.42
C VAL A 220 -3.19 -14.80 -8.08
N SER A 221 -4.19 -14.39 -7.30
CA SER A 221 -3.96 -13.82 -5.98
C SER A 221 -4.63 -14.71 -4.90
N ALA A 222 -4.09 -14.70 -3.67
CA ALA A 222 -4.71 -15.48 -2.59
C ALA A 222 -5.10 -14.51 -1.47
N GLU A 223 -5.15 -13.22 -1.80
CA GLU A 223 -5.47 -12.17 -0.85
C GLU A 223 -6.69 -11.36 -1.20
N PRO A 224 -7.87 -11.95 -1.03
CA PRO A 224 -9.15 -11.33 -1.33
C PRO A 224 -9.41 -10.06 -0.54
N GLU A 225 -8.91 -10.01 0.69
CA GLU A 225 -9.14 -8.83 1.51
C GLU A 225 -8.48 -7.59 0.97
N ARG A 226 -7.60 -7.74 0.00
CA ARG A 226 -6.91 -6.59 -0.59
C ARG A 226 -7.60 -6.01 -1.80
N PHE A 227 -8.58 -6.72 -2.34
CA PHE A 227 -9.26 -6.30 -3.55
C PHE A 227 -10.41 -5.33 -3.49
N ALA A 228 -10.62 -4.68 -4.62
CA ALA A 228 -11.77 -3.81 -4.80
C ALA A 228 -12.83 -4.82 -5.28
N VAL A 229 -13.98 -4.84 -4.61
CA VAL A 229 -15.09 -5.75 -4.96
C VAL A 229 -15.86 -5.24 -6.19
N PRO A 230 -16.01 -6.08 -7.23
CA PRO A 230 -16.71 -5.76 -8.49
C PRO A 230 -18.23 -5.53 -8.43
N TYR A 231 -18.66 -4.36 -8.88
CA TYR A 231 -20.07 -4.01 -8.93
C TYR A 231 -20.33 -3.62 -10.39
N HIS A 232 -21.58 -3.62 -10.81
CA HIS A 232 -21.91 -3.18 -12.16
C HIS A 232 -22.89 -2.04 -12.01
N ASP A 233 -22.94 -1.15 -13.00
CA ASP A 233 -23.85 0.01 -12.93
C ASP A 233 -25.25 -0.42 -12.54
N GLY A 234 -25.97 0.47 -11.86
CA GLY A 234 -27.33 0.16 -11.47
C GLY A 234 -28.01 1.35 -10.80
N GLN A 235 -29.34 1.28 -10.66
CA GLN A 235 -30.13 2.34 -10.01
C GLN A 235 -31.06 1.59 -9.08
N PRO A 236 -31.17 2.01 -7.80
CA PRO A 236 -30.55 3.11 -7.07
C PRO A 236 -29.02 3.16 -6.98
N GLU A 237 -28.39 2.01 -6.80
CA GLU A 237 -26.95 1.95 -6.66
C GLU A 237 -26.30 0.76 -7.38
N PRO A 238 -24.97 0.81 -7.61
CA PRO A 238 -24.29 -0.29 -8.29
C PRO A 238 -24.54 -1.60 -7.54
N VAL A 239 -24.53 -2.72 -8.25
CA VAL A 239 -24.80 -4.01 -7.65
C VAL A 239 -23.59 -4.94 -7.67
N ARG A 240 -23.33 -5.58 -6.54
CA ARG A 240 -22.21 -6.51 -6.38
C ARG A 240 -22.39 -7.72 -7.28
N MET A 241 -21.35 -8.06 -8.04
CA MET A 241 -21.41 -9.17 -8.99
C MET A 241 -21.00 -10.52 -8.45
N ARG A 242 -21.62 -11.59 -8.94
CA ARG A 242 -21.22 -12.94 -8.57
C ARG A 242 -20.83 -13.65 -9.86
N ASP A 243 -20.19 -14.79 -9.74
CA ASP A 243 -19.73 -15.56 -10.90
C ASP A 243 -20.80 -15.95 -11.90
N GLY A 244 -20.47 -15.80 -13.18
CA GLY A 244 -21.36 -16.16 -14.26
C GLY A 244 -22.41 -15.18 -14.77
N ILE A 245 -22.62 -14.03 -14.12
CA ILE A 245 -23.62 -13.10 -14.58
C ILE A 245 -23.17 -12.41 -15.86
N GLU A 246 -24.13 -12.04 -16.69
CA GLU A 246 -23.83 -11.37 -17.95
C GLU A 246 -24.27 -9.90 -17.89
N VAL A 247 -23.40 -9.00 -18.33
CA VAL A 247 -23.73 -7.59 -18.27
C VAL A 247 -23.56 -6.98 -19.66
N PRO A 248 -24.66 -6.45 -20.24
CA PRO A 248 -24.65 -5.84 -21.58
C PRO A 248 -23.73 -4.62 -21.65
N LEU A 249 -22.84 -4.64 -22.63
CA LEU A 249 -21.90 -3.55 -22.86
C LEU A 249 -22.64 -2.30 -23.34
N PRO A 250 -22.07 -1.11 -23.13
CA PRO A 250 -22.79 0.08 -23.61
C PRO A 250 -22.79 0.11 -25.14
N GLU A 251 -23.70 0.88 -25.70
CA GLU A 251 -23.81 1.04 -27.15
C GLU A 251 -22.45 1.21 -27.83
N GLY A 252 -22.21 0.36 -28.84
CA GLY A 252 -20.97 0.43 -29.60
C GLY A 252 -19.77 -0.22 -28.94
N HIS A 253 -19.98 -1.03 -27.91
CA HIS A 253 -18.83 -1.66 -27.28
C HIS A 253 -18.87 -3.14 -27.38
N GLY A 254 -19.93 -3.68 -28.01
CA GLY A 254 -20.06 -5.11 -28.17
C GLY A 254 -21.35 -5.58 -27.52
N ALA A 255 -21.54 -6.89 -27.43
CA ALA A 255 -22.74 -7.48 -26.83
C ALA A 255 -22.79 -7.36 -25.31
N ALA A 256 -21.95 -8.14 -24.67
CA ALA A 256 -21.92 -8.18 -23.22
C ALA A 256 -20.68 -8.90 -22.77
N VAL A 257 -20.48 -8.88 -21.46
CA VAL A 257 -19.36 -9.56 -20.80
C VAL A 257 -19.92 -10.47 -19.69
N ARG A 258 -19.38 -11.67 -19.62
CA ARG A 258 -19.72 -12.62 -18.61
C ARG A 258 -18.61 -12.49 -17.54
N PHE A 259 -18.95 -11.97 -16.37
CA PHE A 259 -17.97 -11.74 -15.30
C PHE A 259 -17.86 -12.89 -14.31
N ALA A 260 -16.66 -13.14 -13.83
CA ALA A 260 -16.38 -14.15 -12.82
C ALA A 260 -15.40 -13.51 -11.83
N PRO A 261 -15.90 -12.72 -10.86
CA PRO A 261 -15.02 -12.08 -9.89
C PRO A 261 -14.10 -13.03 -9.13
N SER A 262 -14.45 -14.31 -9.06
CA SER A 262 -13.61 -15.28 -8.34
C SER A 262 -12.42 -15.78 -9.17
N ARG A 263 -12.45 -15.46 -10.47
CA ARG A 263 -11.42 -15.89 -11.39
C ARG A 263 -10.00 -15.59 -10.89
N VAL A 264 -9.81 -14.39 -10.33
CA VAL A 264 -8.50 -13.94 -9.87
C VAL A 264 -7.93 -14.79 -8.74
N PHE A 265 -8.79 -15.52 -8.06
CA PHE A 265 -8.41 -16.37 -6.94
C PHE A 265 -8.28 -17.86 -7.27
N GLU A 266 -8.72 -18.22 -8.47
CA GLU A 266 -8.68 -19.60 -8.94
C GLU A 266 -7.33 -19.96 -9.59
N PRO A 267 -6.55 -20.88 -8.96
CA PRO A 267 -5.26 -21.26 -9.55
C PRO A 267 -5.39 -21.94 -10.92
N GLY A 268 -6.56 -22.52 -11.19
CA GLY A 268 -6.79 -23.19 -12.45
C GLY A 268 -7.33 -22.31 -13.57
N ALA A 269 -7.50 -21.01 -13.28
CA ALA A 269 -7.97 -20.07 -14.30
C ALA A 269 -6.77 -19.83 -15.24
N TYR A 270 -6.91 -20.11 -16.52
CA TYR A 270 -5.79 -19.90 -17.44
C TYR A 270 -5.38 -18.45 -17.53
N PRO A 271 -4.05 -18.20 -17.62
CA PRO A 271 -3.54 -16.83 -17.70
C PRO A 271 -3.99 -16.19 -18.98
N SER A 272 -4.83 -15.16 -18.86
CA SER A 272 -5.33 -14.43 -20.01
C SER A 272 -4.48 -13.21 -20.30
N GLY A 273 -3.79 -13.24 -21.44
CA GLY A 273 -2.94 -12.13 -21.84
C GLY A 273 -3.69 -10.84 -22.11
N GLY A 274 -4.98 -10.94 -22.41
CA GLY A 274 -5.74 -9.73 -22.67
C GLY A 274 -6.69 -9.30 -21.57
N ALA A 275 -6.85 -10.13 -20.53
CA ALA A 275 -7.82 -9.81 -19.49
C ALA A 275 -7.58 -10.39 -18.10
N GLY A 276 -6.50 -11.15 -17.91
CA GLY A 276 -6.31 -11.84 -16.64
C GLY A 276 -5.44 -11.41 -15.47
N MET A 277 -4.88 -10.21 -15.47
CA MET A 277 -4.04 -9.80 -14.34
C MET A 277 -4.75 -8.95 -13.31
N TYR A 278 -4.11 -8.80 -12.16
CA TYR A 278 -4.60 -7.94 -11.09
C TYR A 278 -3.40 -7.02 -10.82
N GLY A 279 -3.64 -5.92 -10.12
CA GLY A 279 -2.57 -5.01 -9.77
C GLY A 279 -3.08 -3.80 -8.98
N SER A 280 -2.16 -3.08 -8.35
CA SER A 280 -2.49 -1.85 -7.62
C SER A 280 -2.43 -0.69 -8.62
N ALA A 281 -2.88 0.48 -8.21
CA ALA A 281 -2.83 1.63 -9.11
C ALA A 281 -1.37 2.02 -9.35
N ASP A 282 -0.54 1.91 -8.32
CA ASP A 282 0.86 2.27 -8.45
C ASP A 282 1.55 1.42 -9.47
N ASP A 283 1.29 0.13 -9.45
CA ASP A 283 1.92 -0.75 -10.40
C ASP A 283 1.61 -0.38 -11.83
N VAL A 284 0.34 -0.09 -12.09
CA VAL A 284 -0.09 0.28 -13.42
C VAL A 284 0.61 1.58 -13.82
N LEU A 285 0.72 2.53 -12.89
CA LEU A 285 1.39 3.79 -13.20
C LEU A 285 2.84 3.52 -13.58
N ARG A 286 3.46 2.53 -12.95
CA ARG A 286 4.83 2.16 -13.25
C ARG A 286 4.93 1.71 -14.70
N ALA A 287 3.98 0.90 -15.15
CA ALA A 287 3.95 0.41 -16.53
C ALA A 287 3.68 1.56 -17.52
N LEU A 288 2.70 2.42 -17.22
CA LEU A 288 2.36 3.54 -18.08
C LEU A 288 3.54 4.49 -18.24
N GLU A 289 4.24 4.74 -17.13
CA GLU A 289 5.40 5.65 -17.11
C GLU A 289 6.57 5.10 -17.91
N ALA A 290 6.79 3.79 -17.84
CA ALA A 290 7.87 3.15 -18.60
C ALA A 290 7.57 3.31 -20.09
N ILE A 291 6.30 3.17 -20.45
CA ILE A 291 5.85 3.33 -21.83
C ILE A 291 6.05 4.79 -22.24
N ARG A 292 5.56 5.72 -21.42
CA ARG A 292 5.70 7.15 -21.72
C ARG A 292 7.13 7.66 -21.83
N ALA A 293 7.94 7.38 -20.82
CA ALA A 293 9.31 7.86 -20.76
C ALA A 293 10.44 6.95 -21.22
N ASN A 294 10.15 5.68 -21.46
CA ASN A 294 11.15 4.68 -21.89
C ASN A 294 12.60 4.91 -21.47
N PRO A 295 12.88 4.78 -20.17
CA PRO A 295 14.27 5.00 -19.74
C PRO A 295 15.04 3.68 -19.88
N GLY A 296 15.48 3.38 -21.10
CA GLY A 296 16.23 2.17 -21.36
C GLY A 296 15.50 0.85 -21.19
N PHE A 297 14.16 0.88 -21.24
CA PHE A 297 13.37 -0.33 -21.10
C PHE A 297 13.24 -1.13 -22.41
N LEU A 298 13.11 -0.40 -23.52
CA LEU A 298 13.01 -0.94 -24.86
C LEU A 298 13.84 -0.06 -25.77
N PRO A 299 14.45 -0.63 -26.81
CA PRO A 299 15.27 0.15 -27.76
C PRO A 299 14.39 1.23 -28.37
N GLU A 300 14.95 2.43 -28.52
CA GLU A 300 14.20 3.55 -29.05
C GLU A 300 13.29 3.30 -30.27
N THR A 301 13.79 2.66 -31.32
CA THR A 301 12.94 2.44 -32.50
C THR A 301 11.71 1.59 -32.17
N LEU A 302 11.90 0.54 -31.38
CA LEU A 302 10.80 -0.34 -30.98
C LEU A 302 9.77 0.39 -30.10
N ALA A 303 10.26 1.21 -29.18
CA ALA A 303 9.42 2.00 -28.29
C ALA A 303 8.57 2.97 -29.12
N ASP A 304 9.21 3.62 -30.08
CA ASP A 304 8.50 4.55 -30.95
C ASP A 304 7.42 3.83 -31.75
N ALA A 305 7.76 2.66 -32.29
CA ALA A 305 6.82 1.86 -33.08
C ALA A 305 5.58 1.49 -32.27
N ALA A 306 5.84 1.08 -31.03
CA ALA A 306 4.80 0.66 -30.10
C ALA A 306 3.81 1.76 -29.74
N ARG A 307 4.27 3.00 -29.76
CA ARG A 307 3.46 4.15 -29.39
C ARG A 307 2.89 4.87 -30.60
N ARG A 308 3.33 4.44 -31.77
CA ARG A 308 2.93 5.01 -33.05
C ARG A 308 1.69 4.31 -33.60
N ASP A 309 0.87 5.02 -34.37
CA ASP A 309 -0.31 4.43 -34.99
C ASP A 309 0.14 3.42 -36.04
N GLN A 310 -0.24 2.16 -35.86
CA GLN A 310 0.11 1.12 -36.81
C GLN A 310 -1.16 0.69 -37.57
N ALA A 311 -2.31 1.21 -37.15
CA ALA A 311 -3.59 0.86 -37.78
C ALA A 311 -4.26 1.92 -38.68
N GLY A 312 -4.15 3.20 -38.33
CA GLY A 312 -4.79 4.25 -39.12
C GLY A 312 -6.01 4.87 -38.42
N VAL A 313 -6.34 6.13 -38.74
CA VAL A 313 -7.50 6.80 -38.09
C VAL A 313 -8.77 6.06 -38.48
N GLY A 314 -8.72 5.43 -39.67
CA GLY A 314 -9.84 4.68 -40.20
C GLY A 314 -10.31 3.59 -39.26
N ALA A 315 -9.39 3.04 -38.48
CA ALA A 315 -9.71 1.98 -37.51
C ALA A 315 -10.71 2.43 -36.44
N GLU A 316 -10.74 3.73 -36.15
CA GLU A 316 -11.64 4.32 -35.16
C GLU A 316 -11.77 3.44 -33.91
N THR A 317 -10.63 3.04 -33.37
CA THR A 317 -10.58 2.15 -32.21
C THR A 317 -11.37 2.58 -30.97
N ARG A 318 -11.49 3.88 -30.77
CA ARG A 318 -12.27 4.42 -29.66
C ARG A 318 -13.20 5.44 -30.33
N GLY A 319 -13.75 5.05 -31.48
CA GLY A 319 -14.60 5.95 -32.25
C GLY A 319 -13.70 6.70 -33.21
N PRO A 320 -14.21 7.72 -33.93
CA PRO A 320 -13.40 8.48 -34.88
C PRO A 320 -12.20 9.22 -34.30
N GLY A 321 -11.13 9.31 -35.10
CA GLY A 321 -9.91 10.00 -34.71
C GLY A 321 -8.86 9.14 -34.03
N TRP A 322 -9.21 7.90 -33.73
CA TRP A 322 -8.35 6.95 -33.02
C TRP A 322 -7.77 5.77 -33.79
N GLY A 323 -6.45 5.60 -33.72
CA GLY A 323 -5.83 4.46 -34.36
C GLY A 323 -5.38 3.48 -33.27
N PHE A 324 -4.39 2.66 -33.57
CA PHE A 324 -3.89 1.72 -32.58
C PHE A 324 -2.42 1.43 -32.85
N GLY A 325 -1.64 1.31 -31.77
CA GLY A 325 -0.23 0.98 -31.87
C GLY A 325 -0.01 -0.48 -31.44
N TYR A 326 0.96 -0.72 -30.57
CA TYR A 326 1.23 -2.07 -30.06
C TYR A 326 0.78 -2.23 -28.61
N LEU A 327 0.32 -1.14 -27.98
CA LEU A 327 -0.07 -1.14 -26.57
C LEU A 327 -1.48 -0.62 -26.27
N SER A 328 -2.00 0.19 -27.17
CA SER A 328 -3.30 0.83 -26.95
C SER A 328 -3.72 1.60 -28.19
N ALA A 329 -4.82 2.35 -28.07
CA ALA A 329 -5.29 3.21 -29.14
C ALA A 329 -4.32 4.38 -29.11
N VAL A 330 -4.16 5.03 -30.25
CA VAL A 330 -3.29 6.19 -30.39
C VAL A 330 -4.17 7.30 -31.02
N LEU A 331 -4.25 8.45 -30.38
CA LEU A 331 -5.06 9.53 -30.87
C LEU A 331 -4.40 10.17 -32.08
N ASP A 332 -5.07 10.13 -33.23
CA ASP A 332 -4.54 10.74 -34.46
C ASP A 332 -5.18 12.11 -34.70
N ASP A 333 -6.46 12.21 -34.38
CA ASP A 333 -7.22 13.46 -34.60
C ASP A 333 -8.01 13.92 -33.38
N PRO A 334 -7.47 14.87 -32.60
CA PRO A 334 -8.18 15.35 -31.42
C PRO A 334 -9.55 15.94 -31.78
N ALA A 335 -9.58 16.75 -32.82
CA ALA A 335 -10.82 17.36 -33.28
C ALA A 335 -11.92 16.35 -33.59
N ALA A 336 -11.61 15.30 -34.36
CA ALA A 336 -12.58 14.26 -34.74
C ALA A 336 -13.01 13.42 -33.55
N ALA A 337 -12.06 13.21 -32.63
CA ALA A 337 -12.32 12.44 -31.42
C ALA A 337 -13.09 13.26 -30.39
N GLY A 338 -13.21 14.56 -30.66
CA GLY A 338 -13.91 15.45 -29.75
C GLY A 338 -13.25 15.52 -28.40
N THR A 339 -11.92 15.52 -28.38
CA THR A 339 -11.18 15.57 -27.13
C THR A 339 -10.12 16.67 -26.99
N PRO A 340 -9.87 17.12 -25.74
CA PRO A 340 -8.84 18.15 -25.49
C PRO A 340 -7.44 17.51 -25.48
N GLN A 341 -7.41 16.18 -25.49
CA GLN A 341 -6.14 15.43 -25.45
C GLN A 341 -5.35 15.73 -26.71
N HIS A 342 -4.04 15.79 -26.60
CA HIS A 342 -3.19 16.08 -27.75
C HIS A 342 -2.94 14.88 -28.64
N ALA A 343 -2.69 15.14 -29.92
CA ALA A 343 -2.39 14.10 -30.90
C ALA A 343 -1.22 13.26 -30.36
N GLY A 344 -1.25 11.95 -30.55
CA GLY A 344 -0.19 11.10 -30.05
C GLY A 344 -0.57 10.44 -28.73
N THR A 345 -1.73 10.83 -28.17
CA THR A 345 -2.20 10.28 -26.90
C THR A 345 -2.50 8.78 -26.99
N LEU A 346 -2.09 8.06 -25.95
CA LEU A 346 -2.31 6.63 -25.86
C LEU A 346 -3.47 6.43 -24.89
N GLN A 347 -4.36 5.48 -25.20
CA GLN A 347 -5.48 5.23 -24.30
C GLN A 347 -6.12 3.85 -24.48
N TRP A 348 -6.62 3.31 -23.38
CA TRP A 348 -7.34 2.05 -23.36
C TRP A 348 -8.02 1.90 -22.00
N GLY A 349 -8.70 0.78 -21.78
CA GLY A 349 -9.39 0.58 -20.52
C GLY A 349 -9.56 -0.87 -20.11
N GLY A 350 -10.55 -1.12 -19.26
CA GLY A 350 -10.81 -2.47 -18.80
C GLY A 350 -12.27 -2.56 -18.42
N VAL A 351 -12.91 -3.66 -18.78
CA VAL A 351 -14.33 -3.89 -18.51
C VAL A 351 -14.73 -3.90 -17.03
N TYR A 352 -13.74 -4.02 -16.13
CA TYR A 352 -14.07 -3.95 -14.70
C TYR A 352 -14.35 -2.50 -14.30
N GLY A 353 -14.07 -1.56 -15.20
CA GLY A 353 -14.33 -0.16 -14.90
C GLY A 353 -13.06 0.68 -14.83
N HIS A 354 -12.16 0.47 -15.78
CA HIS A 354 -10.92 1.21 -15.80
C HIS A 354 -10.74 1.97 -17.08
N SER A 355 -9.96 3.02 -16.97
CA SER A 355 -9.62 3.90 -18.08
C SER A 355 -8.29 4.56 -17.75
N TRP A 356 -7.43 4.67 -18.76
CA TRP A 356 -6.13 5.32 -18.60
C TRP A 356 -5.73 5.96 -19.93
N PHE A 357 -4.84 6.93 -19.84
CA PHE A 357 -4.30 7.57 -21.01
C PHE A 357 -2.97 8.27 -20.73
N VAL A 358 -2.13 8.30 -21.75
CA VAL A 358 -0.86 8.98 -21.67
C VAL A 358 -0.84 10.04 -22.77
N ASP A 359 -1.02 11.30 -22.38
CA ASP A 359 -0.97 12.37 -23.35
C ASP A 359 0.51 12.69 -23.37
N ARG A 360 1.22 12.10 -24.34
CA ARG A 360 2.66 12.25 -24.51
C ARG A 360 3.18 13.67 -24.59
N ALA A 361 2.50 14.52 -25.37
CA ALA A 361 2.92 15.91 -25.53
C ALA A 361 2.96 16.69 -24.22
N LEU A 362 2.05 16.39 -23.31
CA LEU A 362 2.02 17.08 -22.03
C LEU A 362 2.73 16.31 -20.90
N GLY A 363 3.31 15.15 -21.23
CA GLY A 363 4.00 14.33 -20.23
C GLY A 363 3.06 13.74 -19.19
N LEU A 364 1.78 13.70 -19.55
CA LEU A 364 0.72 13.21 -18.67
C LEU A 364 0.43 11.73 -18.72
N SER A 365 0.28 11.16 -17.55
CA SER A 365 -0.12 9.78 -17.36
C SER A 365 -1.32 9.93 -16.42
N VAL A 366 -2.51 9.55 -16.89
CA VAL A 366 -3.74 9.64 -16.10
C VAL A 366 -4.37 8.24 -15.98
N LEU A 367 -4.62 7.78 -14.75
CA LEU A 367 -5.18 6.43 -14.56
C LEU A 367 -6.35 6.42 -13.61
N LEU A 368 -7.36 5.62 -13.97
CA LEU A 368 -8.54 5.46 -13.17
C LEU A 368 -8.85 3.99 -13.05
N LEU A 369 -8.78 3.47 -11.83
CA LEU A 369 -9.13 2.07 -11.59
C LEU A 369 -10.36 2.11 -10.68
N THR A 370 -11.43 1.43 -11.10
CA THR A 370 -12.64 1.42 -10.27
C THR A 370 -13.22 0.02 -10.09
N ASN A 371 -14.24 -0.09 -9.25
CA ASN A 371 -14.92 -1.34 -9.00
C ASN A 371 -16.36 -1.24 -9.53
N THR A 372 -16.58 -0.33 -10.48
CA THR A 372 -17.89 -0.13 -11.05
C THR A 372 -17.91 -0.25 -12.59
N ALA A 373 -18.29 -1.43 -13.08
CA ALA A 373 -18.39 -1.71 -14.53
C ALA A 373 -19.78 -1.23 -15.00
N TYR A 374 -19.91 -0.39 -16.04
CA TYR A 374 -18.83 0.17 -16.84
C TYR A 374 -18.56 1.69 -16.65
N GLU A 375 -19.15 2.31 -15.63
CA GLU A 375 -18.95 3.74 -15.40
C GLU A 375 -17.46 4.16 -15.43
N GLY A 376 -16.61 3.35 -14.78
CA GLY A 376 -15.19 3.63 -14.72
C GLY A 376 -14.45 3.41 -16.03
N MET A 377 -15.07 2.64 -16.92
CA MET A 377 -14.44 2.39 -18.20
C MET A 377 -14.90 3.40 -19.24
N SER A 378 -16.20 3.58 -19.34
CA SER A 378 -16.75 4.44 -20.36
C SER A 378 -17.89 5.40 -20.02
N GLY A 379 -18.34 5.42 -18.78
CA GLY A 379 -19.42 6.32 -18.42
C GLY A 379 -18.99 7.76 -18.36
N PRO A 380 -19.91 8.68 -17.99
CA PRO A 380 -19.60 10.11 -17.88
C PRO A 380 -18.41 10.41 -16.97
N LEU A 381 -18.24 9.60 -15.92
CA LEU A 381 -17.13 9.76 -14.99
C LEU A 381 -15.81 9.91 -15.74
N THR A 382 -15.59 9.06 -16.73
CA THR A 382 -14.35 9.12 -17.49
C THR A 382 -14.21 10.44 -18.25
N ILE A 383 -15.33 10.98 -18.76
CA ILE A 383 -15.32 12.24 -19.51
C ILE A 383 -15.08 13.39 -18.55
N ALA A 384 -15.85 13.43 -17.46
CA ALA A 384 -15.73 14.46 -16.45
C ALA A 384 -14.34 14.53 -15.85
N LEU A 385 -13.63 13.41 -15.69
CA LEU A 385 -12.27 13.45 -15.13
C LEU A 385 -11.29 13.95 -16.17
N ARG A 386 -11.48 13.48 -17.40
CA ARG A 386 -10.63 13.88 -18.52
C ARG A 386 -10.77 15.38 -18.64
N ASP A 387 -12.00 15.88 -18.75
CA ASP A 387 -12.21 17.31 -18.85
C ASP A 387 -11.70 18.09 -17.62
N ALA A 388 -11.70 17.49 -16.44
CA ALA A 388 -11.22 18.25 -15.30
C ALA A 388 -9.69 18.41 -15.36
N VAL A 389 -9.02 17.37 -15.87
CA VAL A 389 -7.56 17.36 -16.02
C VAL A 389 -7.09 18.49 -16.92
N TYR A 390 -7.78 18.63 -18.05
CA TYR A 390 -7.45 19.64 -19.03
C TYR A 390 -8.15 20.96 -18.74
N ALA A 391 -8.89 21.04 -17.63
CA ALA A 391 -9.61 22.25 -17.26
C ALA A 391 -8.79 23.51 -17.18
N ALA B 15 -16.74 15.56 10.30
CA ALA B 15 -15.64 15.31 9.32
C ALA B 15 -15.14 16.58 8.60
N ALA B 16 -16.04 17.42 8.11
CA ALA B 16 -15.58 18.63 7.42
C ALA B 16 -15.16 19.71 8.41
N SER B 17 -15.84 19.79 9.55
CA SER B 17 -15.49 20.81 10.54
C SER B 17 -14.18 20.44 11.24
N LEU B 18 -13.99 19.15 11.50
CA LEU B 18 -12.77 18.65 12.12
C LEU B 18 -11.60 18.85 11.17
N ALA B 19 -11.79 18.47 9.90
CA ALA B 19 -10.76 18.61 8.89
C ALA B 19 -10.35 20.06 8.72
N ALA B 20 -11.30 20.98 8.87
CA ALA B 20 -11.01 22.40 8.72
C ALA B 20 -10.02 22.85 9.82
N ARG B 21 -10.28 22.44 11.05
CA ARG B 21 -9.44 22.80 12.18
C ARG B 21 -8.07 22.14 12.10
N LEU B 22 -8.02 20.87 11.73
CA LEU B 22 -6.73 20.17 11.66
C LEU B 22 -5.82 20.72 10.59
N ASP B 23 -6.39 21.04 9.42
CA ASP B 23 -5.64 21.61 8.30
C ASP B 23 -5.12 23.02 8.66
N ALA B 24 -5.92 23.78 9.42
CA ALA B 24 -5.50 25.11 9.85
C ALA B 24 -4.25 24.97 10.72
N VAL B 25 -4.24 23.97 11.61
CA VAL B 25 -3.06 23.72 12.46
C VAL B 25 -1.89 23.30 11.58
N PHE B 26 -2.15 22.37 10.68
CA PHE B 26 -1.13 21.88 9.79
C PHE B 26 -0.53 22.96 8.88
N ASP B 27 -1.36 23.85 8.34
CA ASP B 27 -0.86 24.93 7.47
C ASP B 27 0.03 25.88 8.24
N GLN B 28 -0.35 26.16 9.49
CA GLN B 28 0.46 27.04 10.31
C GLN B 28 1.82 26.43 10.63
N ALA B 29 1.83 25.18 11.09
CA ALA B 29 3.10 24.53 11.42
C ALA B 29 4.02 24.38 10.21
N LEU B 30 3.44 24.13 9.04
CA LEU B 30 4.20 24.00 7.80
C LEU B 30 4.81 25.33 7.36
N ARG B 31 4.01 26.38 7.39
CA ARG B 31 4.45 27.72 7.03
C ARG B 31 5.56 28.18 8.00
N GLU B 32 5.32 27.96 9.29
CA GLU B 32 6.26 28.32 10.34
C GLU B 32 7.56 27.45 10.37
N ARG B 33 7.68 26.58 9.36
CA ARG B 33 8.83 25.68 9.22
C ARG B 33 9.13 24.91 10.48
N ARG B 34 8.08 24.59 11.23
CA ARG B 34 8.17 23.80 12.45
C ARG B 34 7.95 22.30 12.18
N LEU B 35 7.38 22.00 11.02
CA LEU B 35 7.06 20.63 10.62
C LEU B 35 7.39 20.48 9.15
N VAL B 36 8.05 19.37 8.78
CA VAL B 36 8.35 19.14 7.37
C VAL B 36 7.20 18.36 6.71
N GLY B 37 6.77 17.26 7.34
CA GLY B 37 5.69 16.47 6.79
C GLY B 37 5.07 15.54 7.82
N ALA B 38 3.80 15.19 7.64
CA ALA B 38 3.11 14.30 8.58
C ALA B 38 1.94 13.54 7.97
N VAL B 39 1.49 12.52 8.67
CA VAL B 39 0.29 11.80 8.28
C VAL B 39 -0.55 11.70 9.56
N ALA B 40 -1.77 12.18 9.50
CA ALA B 40 -2.64 12.12 10.67
C ALA B 40 -3.96 11.47 10.30
N ILE B 41 -4.46 10.58 11.17
CA ILE B 41 -5.74 9.91 10.96
C ILE B 41 -6.56 10.04 12.25
N VAL B 42 -7.85 10.34 12.12
CA VAL B 42 -8.77 10.39 13.26
C VAL B 42 -9.93 9.46 12.95
N ALA B 43 -10.09 8.42 13.75
CA ALA B 43 -11.17 7.49 13.56
C ALA B 43 -12.08 7.52 14.80
N ARG B 44 -13.39 7.43 14.59
CA ARG B 44 -14.33 7.38 15.70
C ARG B 44 -15.22 6.17 15.53
N HIS B 45 -15.12 5.24 16.48
CA HIS B 45 -15.90 4.03 16.40
C HIS B 45 -15.71 3.29 15.09
N GLY B 46 -14.45 3.27 14.64
CA GLY B 46 -14.09 2.57 13.42
C GLY B 46 -14.26 3.37 12.15
N GLU B 47 -14.89 4.53 12.24
CA GLU B 47 -15.12 5.36 11.05
C GLU B 47 -14.02 6.38 10.87
N ILE B 48 -13.48 6.48 9.68
CA ILE B 48 -12.43 7.44 9.44
C ILE B 48 -13.03 8.84 9.29
N LEU B 49 -12.68 9.75 10.19
CA LEU B 49 -13.20 11.11 10.11
C LEU B 49 -12.19 12.01 9.40
N TYR B 50 -10.90 11.64 9.49
CA TYR B 50 -9.78 12.39 8.88
C TYR B 50 -8.63 11.44 8.58
N ARG B 51 -8.05 11.56 7.40
CA ARG B 51 -6.91 10.73 6.97
C ARG B 51 -6.23 11.55 5.91
N ARG B 52 -5.21 12.32 6.32
CA ARG B 52 -4.52 13.18 5.38
C ARG B 52 -3.00 13.23 5.52
N ALA B 53 -2.32 13.31 4.38
CA ALA B 53 -0.88 13.45 4.34
C ALA B 53 -0.66 14.96 4.29
N GLN B 54 0.42 15.44 4.92
CA GLN B 54 0.71 16.86 4.97
C GLN B 54 2.16 17.11 4.68
N GLY B 55 2.44 18.17 3.92
CA GLY B 55 3.81 18.51 3.61
C GLY B 55 4.65 17.51 2.85
N LEU B 56 5.93 17.48 3.21
CA LEU B 56 6.90 16.63 2.53
C LEU B 56 7.52 15.46 3.28
N ALA B 57 7.78 14.41 2.50
CA ALA B 57 8.40 13.17 2.95
C ALA B 57 9.93 13.39 2.86
N ASP B 58 10.39 13.87 1.71
CA ASP B 58 11.80 14.17 1.49
C ASP B 58 11.84 15.63 0.99
N ARG B 59 12.17 16.55 1.88
CA ARG B 59 12.20 17.95 1.51
C ARG B 59 13.17 18.29 0.35
N GLU B 60 14.35 17.70 0.35
CA GLU B 60 15.34 17.97 -0.69
C GLU B 60 14.95 17.51 -2.12
N ALA B 61 14.37 16.30 -2.21
CA ALA B 61 13.93 15.71 -3.47
C ALA B 61 12.58 16.31 -3.87
N GLY B 62 11.94 16.94 -2.89
CA GLY B 62 10.64 17.53 -3.11
C GLY B 62 9.57 16.47 -3.22
N ARG B 63 9.77 15.36 -2.51
CA ARG B 63 8.84 14.25 -2.53
C ARG B 63 7.77 14.49 -1.48
N PRO B 64 6.54 14.83 -1.91
CA PRO B 64 5.40 15.10 -1.04
C PRO B 64 5.09 13.92 -0.12
N MET B 65 4.55 14.17 1.06
CA MET B 65 4.17 13.09 1.96
C MET B 65 2.90 12.46 1.36
N ARG B 66 2.71 11.15 1.59
CA ARG B 66 1.53 10.40 1.12
C ARG B 66 0.90 9.69 2.32
N GLU B 67 -0.36 9.31 2.19
CA GLU B 67 -1.08 8.67 3.28
C GLU B 67 -0.46 7.33 3.70
N ASP B 68 0.21 6.66 2.78
CA ASP B 68 0.83 5.37 3.09
C ASP B 68 2.36 5.40 3.06
N THR B 69 2.91 6.60 3.20
CA THR B 69 4.35 6.76 3.27
C THR B 69 4.78 5.94 4.51
N LEU B 70 5.94 5.28 4.44
CA LEU B 70 6.41 4.49 5.57
C LEU B 70 7.20 5.36 6.57
N PHE B 71 7.03 5.03 7.85
CA PHE B 71 7.68 5.74 8.93
C PHE B 71 8.48 4.81 9.86
N ARG B 72 9.59 5.33 10.37
CA ARG B 72 10.39 4.60 11.37
C ARG B 72 9.54 4.88 12.62
N LEU B 73 9.00 3.83 13.23
CA LEU B 73 8.12 4.01 14.38
C LEU B 73 8.67 4.41 15.75
N ALA B 74 9.92 4.12 16.04
CA ALA B 74 10.43 4.41 17.38
C ALA B 74 9.49 3.72 18.38
N SER B 75 9.16 4.41 19.47
CA SER B 75 8.30 3.81 20.48
C SER B 75 6.89 3.43 20.09
N VAL B 76 6.50 3.80 18.87
CA VAL B 76 5.20 3.41 18.37
C VAL B 76 5.30 1.89 18.16
N THR B 77 6.53 1.37 18.18
CA THR B 77 6.75 -0.06 18.08
C THR B 77 6.23 -0.77 19.36
N LYS B 78 6.36 -0.10 20.51
CA LYS B 78 5.94 -0.67 21.81
C LYS B 78 4.53 -1.29 21.90
N PRO B 79 3.47 -0.55 21.58
CA PRO B 79 2.17 -1.24 21.69
C PRO B 79 2.05 -2.49 20.78
N ILE B 80 2.68 -2.45 19.61
CA ILE B 80 2.66 -3.57 18.66
C ILE B 80 3.38 -4.78 19.25
N VAL B 81 4.60 -4.57 19.75
CA VAL B 81 5.37 -5.64 20.38
C VAL B 81 4.71 -6.10 21.70
N ALA B 82 4.10 -5.16 22.41
CA ALA B 82 3.41 -5.46 23.66
C ALA B 82 2.24 -6.37 23.35
N LEU B 83 1.56 -6.11 22.24
CA LEU B 83 0.44 -6.96 21.83
C LEU B 83 0.92 -8.42 21.56
N ALA B 84 2.09 -8.57 20.96
CA ALA B 84 2.66 -9.88 20.65
C ALA B 84 2.91 -10.64 21.94
N VAL B 85 3.42 -9.94 22.95
CA VAL B 85 3.68 -10.54 24.25
C VAL B 85 2.34 -11.04 24.83
N LEU B 86 1.33 -10.18 24.81
CA LEU B 86 0.00 -10.50 25.33
C LEU B 86 -0.65 -11.65 24.59
N ARG B 87 -0.36 -11.77 23.29
CA ARG B 87 -0.91 -12.85 22.49
C ARG B 87 -0.30 -14.16 22.98
N LEU B 88 0.99 -14.14 23.31
CA LEU B 88 1.67 -15.33 23.82
C LEU B 88 1.18 -15.66 25.23
N VAL B 89 0.86 -14.63 26.01
CA VAL B 89 0.36 -14.81 27.36
C VAL B 89 -1.01 -15.50 27.30
N ALA B 90 -1.85 -15.02 26.39
CA ALA B 90 -3.18 -15.55 26.19
C ALA B 90 -3.16 -17.03 25.82
N ARG B 91 -2.10 -17.49 25.16
CA ARG B 91 -1.98 -18.90 24.76
C ARG B 91 -1.28 -19.72 25.83
N GLY B 92 -0.81 -19.05 26.88
CA GLY B 92 -0.11 -19.76 27.94
C GLY B 92 1.35 -19.98 27.62
N GLU B 93 1.86 -19.39 26.54
CA GLU B 93 3.28 -19.58 26.22
C GLU B 93 4.14 -18.65 27.07
N LEU B 94 3.48 -17.67 27.67
CA LEU B 94 4.10 -16.70 28.56
C LEU B 94 3.13 -16.49 29.73
N ALA B 95 3.65 -16.00 30.85
CA ALA B 95 2.82 -15.75 32.03
C ALA B 95 3.25 -14.43 32.63
N LEU B 96 2.27 -13.61 32.98
CA LEU B 96 2.52 -12.30 33.55
C LEU B 96 3.41 -12.34 34.80
N ASP B 97 3.26 -13.39 35.60
CA ASP B 97 4.04 -13.56 36.83
C ASP B 97 5.29 -14.44 36.69
N ALA B 98 5.59 -14.83 35.46
CA ALA B 98 6.74 -15.70 35.20
C ALA B 98 8.05 -14.92 35.19
N PRO B 99 9.10 -15.51 35.77
CA PRO B 99 10.41 -14.86 35.80
C PRO B 99 10.98 -14.77 34.39
N VAL B 100 11.55 -13.62 34.06
CA VAL B 100 12.11 -13.39 32.75
C VAL B 100 13.25 -14.35 32.43
N THR B 101 13.86 -14.89 33.49
CA THR B 101 14.96 -15.83 33.36
C THR B 101 14.60 -17.17 32.71
N ARG B 102 13.30 -17.50 32.65
CA ARG B 102 12.87 -18.73 32.00
C ARG B 102 13.20 -18.70 30.51
N TRP B 103 13.21 -17.49 29.95
CA TRP B 103 13.50 -17.28 28.53
C TRP B 103 14.89 -16.66 28.29
N LEU B 104 15.34 -15.82 29.22
CA LEU B 104 16.67 -15.20 29.15
C LEU B 104 17.38 -15.61 30.45
N PRO B 105 17.97 -16.83 30.48
CA PRO B 105 18.67 -17.42 31.62
C PRO B 105 19.72 -16.51 32.24
N GLU B 106 20.32 -15.67 31.40
CA GLU B 106 21.37 -14.77 31.83
C GLU B 106 20.96 -13.34 32.11
N PHE B 107 19.72 -12.96 31.83
CA PHE B 107 19.30 -11.59 32.11
C PHE B 107 18.93 -11.49 33.60
N ARG B 108 19.94 -11.29 34.43
CA ARG B 108 19.76 -11.21 35.90
C ARG B 108 20.30 -9.88 36.46
N PRO B 109 19.65 -8.76 36.13
CA PRO B 109 20.15 -7.47 36.65
C PRO B 109 20.09 -7.45 38.18
N ARG B 110 21.03 -6.73 38.78
CA ARG B 110 21.08 -6.63 40.22
C ARG B 110 20.68 -5.25 40.73
N LEU B 111 20.30 -5.21 42.00
CA LEU B 111 19.94 -3.96 42.66
C LEU B 111 21.27 -3.28 43.00
N ALA B 112 21.19 -2.05 43.48
CA ALA B 112 22.40 -1.28 43.83
C ALA B 112 23.18 -1.97 44.96
N ASP B 113 22.50 -2.72 45.81
CA ASP B 113 23.22 -3.39 46.89
C ASP B 113 23.84 -4.72 46.44
N GLY B 114 23.75 -5.00 45.14
CA GLY B 114 24.33 -6.23 44.61
C GLY B 114 23.42 -7.44 44.59
N SER B 115 22.27 -7.39 45.25
CA SER B 115 21.39 -8.56 45.27
C SER B 115 20.52 -8.72 44.02
N GLU B 116 20.12 -9.95 43.74
CA GLU B 116 19.29 -10.26 42.56
C GLU B 116 17.80 -10.49 42.79
N PRO B 117 16.96 -9.53 42.36
CA PRO B 117 15.50 -9.66 42.53
C PRO B 117 14.81 -10.41 41.36
N LEU B 118 13.55 -10.79 41.59
CA LEU B 118 12.72 -11.45 40.60
C LEU B 118 12.19 -10.40 39.63
N VAL B 119 12.28 -10.65 38.32
CA VAL B 119 11.73 -9.70 37.34
C VAL B 119 10.73 -10.47 36.47
N THR B 120 9.45 -10.15 36.63
CA THR B 120 8.41 -10.83 35.88
C THR B 120 8.06 -10.15 34.55
N ILE B 121 7.27 -10.84 33.73
CA ILE B 121 6.84 -10.30 32.45
C ILE B 121 6.00 -9.06 32.78
N HIS B 122 5.30 -9.09 33.91
CA HIS B 122 4.50 -7.96 34.38
C HIS B 122 5.33 -6.71 34.64
N HIS B 123 6.44 -6.86 35.35
CA HIS B 123 7.33 -5.74 35.70
C HIS B 123 7.86 -5.06 34.42
N LEU B 124 8.13 -5.89 33.42
CA LEU B 124 8.65 -5.43 32.14
C LEU B 124 7.61 -4.68 31.31
N LEU B 125 6.45 -5.26 31.08
CA LEU B 125 5.41 -4.57 30.34
C LEU B 125 5.02 -3.22 30.97
N THR B 126 5.08 -3.09 32.30
CA THR B 126 4.68 -1.85 32.96
C THR B 126 5.79 -0.83 33.18
N HIS B 127 7.02 -1.21 32.88
CA HIS B 127 8.21 -0.39 33.10
C HIS B 127 8.43 -0.19 34.61
N THR B 128 8.08 -1.18 35.41
CA THR B 128 8.28 -1.08 36.84
C THR B 128 9.40 -2.03 37.29
N SER B 129 10.14 -2.58 36.34
CA SER B 129 11.22 -3.51 36.67
C SER B 129 12.42 -2.85 37.30
N GLY B 130 12.63 -1.57 37.02
CA GLY B 130 13.77 -0.88 37.59
C GLY B 130 14.78 -0.56 36.51
N LEU B 131 14.55 -1.07 35.30
CA LEU B 131 15.42 -0.81 34.16
C LEU B 131 15.22 0.64 33.73
N GLY B 132 16.12 1.15 32.91
CA GLY B 132 16.02 2.50 32.44
C GLY B 132 16.37 2.58 30.97
N TYR B 133 16.89 3.73 30.56
CA TYR B 133 17.28 4.02 29.19
C TYR B 133 18.53 4.88 29.24
N TRP B 134 19.36 4.81 28.21
CA TRP B 134 20.55 5.63 28.18
C TRP B 134 20.11 7.10 28.26
N LEU B 135 19.04 7.43 27.53
CA LEU B 135 18.48 8.78 27.42
C LEU B 135 18.07 9.48 28.69
N LEU B 136 17.81 8.71 29.74
CA LEU B 136 17.40 9.28 31.02
C LEU B 136 18.50 10.20 31.57
N GLU B 137 19.76 9.79 31.40
CA GLU B 137 20.92 10.58 31.89
C GLU B 137 21.93 10.99 30.82
N GLY B 138 21.98 10.26 29.72
CA GLY B 138 22.90 10.61 28.65
C GLY B 138 24.38 10.41 28.92
N ALA B 139 25.22 11.18 28.23
CA ALA B 139 26.68 11.06 28.35
C ALA B 139 27.21 11.12 29.78
N GLY B 140 28.15 10.23 30.09
CA GLY B 140 28.74 10.18 31.43
C GLY B 140 28.03 9.31 32.46
N SER B 141 26.82 8.88 32.16
CA SER B 141 26.00 8.02 33.05
C SER B 141 26.50 6.58 33.08
N VAL B 142 25.88 5.75 33.92
CA VAL B 142 26.24 4.32 34.01
C VAL B 142 25.98 3.67 32.64
N TYR B 143 24.79 3.89 32.10
CA TYR B 143 24.43 3.33 30.82
C TYR B 143 25.41 3.76 29.76
N ASP B 144 25.83 5.03 29.80
CA ASP B 144 26.79 5.50 28.81
C ASP B 144 28.14 4.76 28.93
N ARG B 145 28.56 4.47 30.16
CA ARG B 145 29.81 3.74 30.40
C ARG B 145 29.73 2.27 29.99
N LEU B 146 28.59 1.64 30.21
CA LEU B 146 28.42 0.23 29.85
C LEU B 146 28.12 0.04 28.35
N GLY B 147 27.94 1.14 27.63
CA GLY B 147 27.68 1.10 26.20
C GLY B 147 26.31 0.58 25.81
N ILE B 148 25.32 0.87 26.66
CA ILE B 148 23.96 0.40 26.42
C ILE B 148 23.23 1.30 25.42
N SER B 149 22.69 0.66 24.40
CA SER B 149 21.96 1.33 23.34
C SER B 149 20.44 1.38 23.58
N ASP B 150 19.81 2.47 23.13
CA ASP B 150 18.38 2.63 23.28
C ASP B 150 17.59 2.11 22.09
N GLY B 151 18.32 1.58 21.13
CA GLY B 151 17.67 1.03 19.96
C GLY B 151 17.41 1.93 18.78
N ILE B 152 17.65 3.24 18.90
CA ILE B 152 17.38 4.19 17.82
C ILE B 152 18.66 4.40 17.02
N ASP B 153 19.84 4.16 17.59
CA ASP B 153 21.08 4.31 16.86
C ASP B 153 21.43 2.99 16.21
N LEU B 154 22.52 2.97 15.47
CA LEU B 154 22.97 1.75 14.80
C LEU B 154 24.29 1.34 15.43
N ARG B 155 24.30 0.20 16.11
CA ARG B 155 25.49 -0.27 16.79
C ARG B 155 25.97 -1.55 16.19
N ASP B 156 27.27 -1.82 16.26
CA ASP B 156 27.75 -3.06 15.68
C ASP B 156 27.74 -4.25 16.65
N PHE B 157 26.55 -4.62 17.09
CA PHE B 157 26.36 -5.76 17.98
C PHE B 157 24.88 -6.09 17.97
N ASP B 158 24.56 -7.31 18.41
CA ASP B 158 23.18 -7.77 18.40
C ASP B 158 22.39 -7.55 19.67
N LEU B 159 21.16 -8.01 19.65
CA LEU B 159 20.26 -7.87 20.77
C LEU B 159 20.81 -8.54 22.02
N ASP B 160 21.33 -9.75 21.87
CA ASP B 160 21.88 -10.44 23.03
C ASP B 160 23.00 -9.67 23.70
N GLU B 161 23.82 -9.01 22.88
CA GLU B 161 24.92 -8.24 23.44
C GLU B 161 24.41 -7.05 24.22
N ASN B 162 23.47 -6.34 23.64
CA ASN B 162 22.94 -5.17 24.32
C ASN B 162 22.28 -5.56 25.65
N LEU B 163 21.57 -6.68 25.67
CA LEU B 163 20.92 -7.15 26.89
C LEU B 163 21.94 -7.53 27.97
N ARG B 164 23.08 -8.07 27.54
CA ARG B 164 24.13 -8.44 28.46
C ARG B 164 24.68 -7.16 29.10
N ARG B 165 24.87 -6.14 28.28
CA ARG B 165 25.36 -4.86 28.79
C ARG B 165 24.35 -4.25 29.74
N LEU B 166 23.08 -4.40 29.39
CA LEU B 166 21.97 -3.86 30.17
C LEU B 166 21.88 -4.58 31.52
N ALA B 167 21.99 -5.91 31.46
CA ALA B 167 21.92 -6.74 32.64
C ALA B 167 23.01 -6.43 33.67
N SER B 168 24.12 -5.87 33.20
CA SER B 168 25.25 -5.53 34.08
C SER B 168 25.11 -4.16 34.76
N ALA B 169 24.05 -3.43 34.44
CA ALA B 169 23.80 -2.13 35.04
C ALA B 169 22.89 -2.37 36.22
N PRO B 170 23.08 -1.63 37.31
CA PRO B 170 22.18 -1.92 38.42
C PRO B 170 20.78 -1.38 38.18
N LEU B 171 19.77 -2.04 38.75
CA LEU B 171 18.39 -1.56 38.64
C LEU B 171 18.33 -0.22 39.42
N SER B 172 17.43 0.68 39.03
CA SER B 172 17.30 1.98 39.71
C SER B 172 16.56 1.85 41.03
N PHE B 173 15.72 0.81 41.11
CA PHE B 173 14.91 0.49 42.27
C PHE B 173 14.43 -0.95 42.14
N ALA B 174 13.92 -1.53 43.22
CA ALA B 174 13.42 -2.90 43.19
C ALA B 174 12.18 -3.05 42.31
N PRO B 175 12.09 -4.16 41.56
CA PRO B 175 10.95 -4.43 40.69
C PRO B 175 9.62 -4.23 41.43
N GLY B 176 8.75 -3.41 40.85
CA GLY B 176 7.45 -3.14 41.46
C GLY B 176 7.38 -1.98 42.45
N SER B 177 8.52 -1.41 42.82
CA SER B 177 8.52 -0.31 43.78
C SER B 177 8.49 1.07 43.14
N GLY B 178 8.52 1.13 41.81
CA GLY B 178 8.49 2.41 41.14
C GLY B 178 8.20 2.28 39.67
N TRP B 179 8.26 3.41 38.95
CA TRP B 179 8.02 3.44 37.51
C TRP B 179 9.12 4.27 36.85
N GLN B 180 9.65 3.76 35.73
CA GLN B 180 10.70 4.41 34.95
C GLN B 180 10.69 3.88 33.52
N TYR B 181 10.66 4.79 32.54
CA TYR B 181 10.64 4.39 31.13
C TYR B 181 11.93 3.63 30.86
N SER B 182 11.81 2.51 30.17
CA SER B 182 12.98 1.65 29.98
C SER B 182 13.05 0.82 28.71
N LEU B 183 14.08 -0.02 28.70
CA LEU B 183 14.43 -0.97 27.63
C LEU B 183 13.74 -2.34 27.84
N ALA B 184 12.71 -2.35 28.70
CA ALA B 184 11.94 -3.54 29.03
C ALA B 184 11.31 -4.22 27.81
N LEU B 185 10.87 -3.40 26.84
CA LEU B 185 10.25 -3.93 25.62
C LEU B 185 11.29 -4.55 24.67
N ASP B 186 12.53 -4.10 24.79
CA ASP B 186 13.63 -4.66 24.02
C ASP B 186 13.94 -6.00 24.69
N VAL B 187 13.85 -6.04 26.02
CA VAL B 187 14.07 -7.29 26.75
C VAL B 187 12.99 -8.29 26.35
N LEU B 188 11.73 -7.83 26.33
CA LEU B 188 10.58 -8.65 25.96
C LEU B 188 10.69 -9.12 24.50
N GLY B 189 11.39 -8.34 23.69
CA GLY B 189 11.57 -8.73 22.30
C GLY B 189 12.37 -10.02 22.25
N ALA B 190 13.42 -10.09 23.08
CA ALA B 190 14.27 -11.29 23.14
C ALA B 190 13.49 -12.43 23.73
N VAL B 191 12.63 -12.12 24.70
CA VAL B 191 11.77 -13.12 25.33
C VAL B 191 10.84 -13.71 24.28
N VAL B 192 10.28 -12.86 23.42
CA VAL B 192 9.38 -13.32 22.34
C VAL B 192 10.09 -14.27 21.38
N GLU B 193 11.33 -13.92 21.01
CA GLU B 193 12.12 -14.77 20.13
C GLU B 193 12.32 -16.15 20.75
N ARG B 194 12.68 -16.21 22.02
CA ARG B 194 12.89 -17.50 22.70
C ARG B 194 11.63 -18.36 22.77
N ALA B 195 10.54 -17.76 23.26
CA ALA B 195 9.27 -18.48 23.41
C ALA B 195 8.70 -18.95 22.08
N THR B 196 9.03 -18.21 21.05
CA THR B 196 8.50 -18.46 19.72
C THR B 196 9.41 -19.26 18.81
N GLY B 197 10.72 -19.19 19.07
CA GLY B 197 11.70 -19.85 18.24
C GLY B 197 11.89 -19.14 16.91
N GLN B 198 11.37 -17.92 16.77
CA GLN B 198 11.51 -17.18 15.52
C GLN B 198 12.17 -15.86 15.78
N PRO B 199 12.75 -15.25 14.73
CA PRO B 199 13.38 -13.94 14.92
C PRO B 199 12.20 -13.01 15.21
N LEU B 200 12.44 -11.92 15.94
CA LEU B 200 11.39 -10.98 16.35
C LEU B 200 10.42 -10.52 15.24
N ALA B 201 10.95 -10.12 14.09
CA ALA B 201 10.10 -9.67 12.98
C ALA B 201 9.09 -10.77 12.59
N ALA B 202 9.57 -12.00 12.44
CA ALA B 202 8.71 -13.12 12.10
C ALA B 202 7.69 -13.42 13.20
N ALA B 203 8.09 -13.25 14.46
CA ALA B 203 7.15 -13.49 15.56
C ALA B 203 6.07 -12.41 15.57
N VAL B 204 6.47 -11.15 15.44
CA VAL B 204 5.51 -10.05 15.46
C VAL B 204 4.53 -10.19 14.30
N ASP B 205 5.04 -10.59 13.14
CA ASP B 205 4.21 -10.78 11.97
C ASP B 205 3.16 -11.85 12.21
N ALA B 206 3.58 -12.98 12.78
CA ALA B 206 2.70 -14.09 13.05
C ALA B 206 1.66 -13.79 14.10
N LEU B 207 2.11 -13.20 15.20
CA LEU B 207 1.26 -12.89 16.35
C LEU B 207 0.35 -11.67 16.28
N VAL B 208 0.77 -10.64 15.55
CA VAL B 208 -0.03 -9.40 15.47
C VAL B 208 -0.32 -8.88 14.05
N ALA B 209 0.75 -8.63 13.30
CA ALA B 209 0.64 -8.05 11.96
C ALA B 209 -0.32 -8.78 11.05
N GLN B 210 -0.01 -10.04 10.78
CA GLN B 210 -0.80 -10.88 9.91
C GLN B 210 -2.22 -10.96 10.43
N PRO B 211 -2.41 -11.39 11.69
CA PRO B 211 -3.78 -11.48 12.21
C PRO B 211 -4.59 -10.20 12.04
N LEU B 212 -3.91 -9.05 12.07
CA LEU B 212 -4.61 -7.79 11.96
C LEU B 212 -4.57 -7.14 10.59
N GLY B 213 -4.03 -7.82 9.59
CA GLY B 213 -3.96 -7.25 8.26
C GLY B 213 -2.92 -6.14 8.08
N MET B 214 -1.95 -6.03 8.98
CA MET B 214 -0.89 -5.02 8.87
C MET B 214 0.20 -5.59 7.95
N ARG B 215 0.10 -5.26 6.66
CA ARG B 215 1.02 -5.72 5.63
C ARG B 215 2.20 -4.82 5.38
N ASP B 216 2.14 -3.58 5.84
CA ASP B 216 3.23 -2.65 5.58
C ASP B 216 4.13 -2.32 6.75
N CYS B 217 4.43 -3.32 7.58
CA CYS B 217 5.30 -3.10 8.74
C CYS B 217 6.37 -4.13 8.87
N GLY B 218 7.30 -3.88 9.78
CA GLY B 218 8.39 -4.81 10.02
C GLY B 218 9.50 -4.09 10.75
N PHE B 219 10.69 -4.67 10.72
CA PHE B 219 11.87 -4.11 11.37
C PHE B 219 12.91 -3.63 10.37
N VAL B 220 13.07 -4.35 9.25
CA VAL B 220 14.07 -3.97 8.23
C VAL B 220 13.39 -3.82 6.88
N SER B 221 13.56 -2.66 6.26
CA SER B 221 12.96 -2.42 4.96
C SER B 221 14.01 -2.31 3.87
N ALA B 222 13.63 -2.67 2.65
CA ALA B 222 14.52 -2.60 1.52
C ALA B 222 13.96 -1.56 0.56
N GLU B 223 13.04 -0.74 1.03
CA GLU B 223 12.42 0.27 0.19
C GLU B 223 12.51 1.68 0.69
N PRO B 224 13.71 2.26 0.62
CA PRO B 224 13.90 3.62 1.08
C PRO B 224 13.02 4.66 0.37
N GLU B 225 12.68 4.41 -0.89
CA GLU B 225 11.88 5.39 -1.63
C GLU B 225 10.47 5.62 -1.06
N ARG B 226 10.07 4.73 -0.15
CA ARG B 226 8.75 4.79 0.47
C ARG B 226 8.72 5.50 1.79
N PHE B 227 9.89 5.78 2.34
CA PHE B 227 9.99 6.40 3.65
C PHE B 227 9.90 7.90 3.78
N ALA B 228 9.58 8.32 5.01
CA ALA B 228 9.52 9.72 5.39
C ALA B 228 10.95 9.91 5.93
N VAL B 229 11.70 10.78 5.29
CA VAL B 229 13.07 11.08 5.68
C VAL B 229 12.97 11.85 6.98
N PRO B 230 13.70 11.43 8.01
CA PRO B 230 13.68 12.09 9.32
C PRO B 230 14.38 13.44 9.38
N TYR B 231 13.75 14.40 10.03
CA TYR B 231 14.31 15.71 10.23
C TYR B 231 14.23 15.97 11.74
N HIS B 232 15.00 16.94 12.24
CA HIS B 232 14.91 17.29 13.66
C HIS B 232 14.70 18.78 13.75
N ASP B 233 14.10 19.24 14.85
CA ASP B 233 13.86 20.68 15.01
C ASP B 233 15.10 21.54 14.71
N GLY B 234 14.91 22.69 14.05
CA GLY B 234 16.05 23.52 13.74
C GLY B 234 15.71 24.85 13.09
N GLN B 235 16.69 25.77 13.17
CA GLN B 235 16.56 27.09 12.58
C GLN B 235 17.46 27.26 11.34
N PRO B 236 16.95 27.94 10.31
CA PRO B 236 15.61 28.53 10.19
C PRO B 236 14.61 27.52 9.61
N GLU B 237 14.93 26.24 9.77
CA GLU B 237 14.09 25.15 9.25
C GLU B 237 14.62 23.81 9.79
N PRO B 238 13.75 22.77 9.88
CA PRO B 238 14.18 21.47 10.40
C PRO B 238 15.41 20.99 9.66
N VAL B 239 16.19 20.15 10.31
CA VAL B 239 17.42 19.64 9.74
C VAL B 239 17.35 18.16 9.38
N ARG B 240 17.74 17.84 8.15
CA ARG B 240 17.77 16.45 7.68
C ARG B 240 18.74 15.61 8.53
N MET B 241 18.23 14.54 9.14
CA MET B 241 19.06 13.68 9.98
C MET B 241 20.04 12.80 9.24
N ARG B 242 21.17 12.52 9.91
CA ARG B 242 22.14 11.58 9.36
C ARG B 242 22.53 10.66 10.52
N ASP B 243 23.09 9.50 10.19
CA ASP B 243 23.50 8.56 11.22
C ASP B 243 24.50 9.19 12.15
N GLY B 244 24.23 9.04 13.46
CA GLY B 244 25.10 9.57 14.50
C GLY B 244 24.69 10.88 15.12
N ILE B 245 23.67 11.55 14.58
CA ILE B 245 23.25 12.84 15.16
C ILE B 245 22.61 12.65 16.54
N GLU B 246 23.19 13.32 17.55
CA GLU B 246 22.66 13.27 18.92
C GLU B 246 21.76 14.50 19.05
N VAL B 247 20.46 14.29 19.27
CA VAL B 247 19.52 15.41 19.39
C VAL B 247 19.03 15.60 20.81
N PRO B 248 19.39 16.73 21.43
CA PRO B 248 18.97 17.01 22.81
C PRO B 248 17.46 16.91 22.94
N LEU B 249 16.99 16.28 24.01
CA LEU B 249 15.56 16.13 24.27
C LEU B 249 14.95 17.37 24.97
N PRO B 250 13.64 17.61 24.81
CA PRO B 250 13.03 18.79 25.46
C PRO B 250 13.06 18.72 26.98
N GLU B 251 12.73 19.85 27.63
CA GLU B 251 12.73 19.92 29.10
C GLU B 251 11.94 18.83 29.80
N GLY B 252 12.61 18.14 30.72
CA GLY B 252 11.97 17.09 31.49
C GLY B 252 11.72 15.87 30.64
N HIS B 253 12.42 15.76 29.52
CA HIS B 253 12.19 14.59 28.70
C HIS B 253 13.35 13.63 28.62
N GLY B 254 14.47 13.99 29.27
CA GLY B 254 15.67 13.15 29.23
C GLY B 254 16.80 13.97 28.62
N ALA B 255 17.98 13.39 28.45
CA ALA B 255 19.12 14.12 27.91
C ALA B 255 19.10 14.24 26.39
N ALA B 256 19.33 13.13 25.70
CA ALA B 256 19.32 13.16 24.25
C ALA B 256 19.09 11.81 23.64
N VAL B 257 18.97 11.80 22.30
CA VAL B 257 18.75 10.59 21.54
C VAL B 257 19.72 10.60 20.37
N ARG B 258 20.45 9.51 20.17
CA ARG B 258 21.35 9.41 19.03
C ARG B 258 20.56 8.67 17.96
N PHE B 259 20.33 9.32 16.83
CA PHE B 259 19.55 8.77 15.72
C PHE B 259 20.37 8.17 14.61
N ALA B 260 19.85 7.12 14.02
CA ALA B 260 20.50 6.46 12.89
C ALA B 260 19.44 6.13 11.85
N PRO B 261 19.05 7.12 11.01
CA PRO B 261 18.04 6.94 9.96
C PRO B 261 18.23 5.74 9.04
N SER B 262 19.47 5.26 8.90
CA SER B 262 19.74 4.11 8.05
C SER B 262 19.50 2.78 8.73
N ARG B 263 19.29 2.84 10.05
CA ARG B 263 19.04 1.70 10.93
C ARG B 263 17.97 0.75 10.36
N VAL B 264 16.92 1.34 9.80
CA VAL B 264 15.80 0.58 9.24
C VAL B 264 16.12 -0.20 7.95
N PHE B 265 17.20 0.15 7.27
CA PHE B 265 17.56 -0.53 6.04
C PHE B 265 18.71 -1.50 6.26
N GLU B 266 19.25 -1.55 7.47
CA GLU B 266 20.37 -2.43 7.79
C GLU B 266 19.91 -3.77 8.36
N PRO B 267 20.06 -4.87 7.61
CA PRO B 267 19.65 -6.22 8.07
C PRO B 267 20.32 -6.63 9.38
N GLY B 268 21.48 -6.02 9.64
CA GLY B 268 22.24 -6.33 10.85
C GLY B 268 21.86 -5.57 12.10
N ALA B 269 20.94 -4.62 11.99
CA ALA B 269 20.48 -3.87 13.16
C ALA B 269 19.59 -4.82 13.97
N TYR B 270 19.95 -5.12 15.22
CA TYR B 270 19.15 -6.04 16.02
C TYR B 270 17.70 -5.58 16.20
N PRO B 271 16.75 -6.52 16.28
CA PRO B 271 15.35 -6.12 16.44
C PRO B 271 15.11 -5.46 17.79
N SER B 272 14.69 -4.21 17.76
CA SER B 272 14.40 -3.46 18.97
C SER B 272 12.90 -3.49 19.25
N GLY B 273 12.53 -4.18 20.33
CA GLY B 273 11.15 -4.31 20.72
C GLY B 273 10.56 -3.02 21.26
N GLY B 274 11.42 -2.07 21.61
CA GLY B 274 10.93 -0.81 22.11
C GLY B 274 11.13 0.37 21.19
N ALA B 275 11.72 0.15 20.02
CA ALA B 275 12.01 1.25 19.14
C ALA B 275 12.35 0.95 17.68
N GLY B 276 12.34 -0.30 17.26
CA GLY B 276 12.80 -0.59 15.92
C GLY B 276 11.92 -0.99 14.74
N MET B 277 10.65 -0.65 14.77
CA MET B 277 9.80 -1.04 13.65
C MET B 277 9.53 0.12 12.74
N TYR B 278 9.02 -0.19 11.56
CA TYR B 278 8.60 0.80 10.61
C TYR B 278 7.17 0.40 10.27
N GLY B 279 6.40 1.32 9.71
CA GLY B 279 5.05 1.00 9.34
C GLY B 279 4.41 2.21 8.75
N SER B 280 3.23 2.01 8.19
CA SER B 280 2.42 3.05 7.59
C SER B 280 1.43 3.47 8.68
N ALA B 281 0.81 4.63 8.48
CA ALA B 281 -0.19 5.13 9.41
C ALA B 281 -1.40 4.19 9.48
N ASP B 282 -1.80 3.62 8.34
CA ASP B 282 -2.91 2.67 8.28
C ASP B 282 -2.63 1.42 9.14
N ASP B 283 -1.39 0.94 9.11
CA ASP B 283 -1.02 -0.23 9.88
C ASP B 283 -1.05 0.06 11.37
N VAL B 284 -0.48 1.20 11.77
CA VAL B 284 -0.48 1.59 13.17
C VAL B 284 -1.93 1.72 13.64
N LEU B 285 -2.78 2.36 12.82
CA LEU B 285 -4.19 2.53 13.16
C LEU B 285 -4.82 1.18 13.41
N ARG B 286 -4.44 0.18 12.62
CA ARG B 286 -4.97 -1.16 12.76
C ARG B 286 -4.66 -1.73 14.14
N ALA B 287 -3.42 -1.53 14.61
CA ALA B 287 -3.03 -2.00 15.93
C ALA B 287 -3.80 -1.22 17.01
N LEU B 288 -3.92 0.09 16.84
CA LEU B 288 -4.62 0.92 17.82
C LEU B 288 -6.10 0.60 17.91
N GLU B 289 -6.73 0.34 16.78
CA GLU B 289 -8.14 -0.02 16.73
C GLU B 289 -8.33 -1.41 17.37
N ALA B 290 -7.35 -2.29 17.22
CA ALA B 290 -7.45 -3.62 17.83
C ALA B 290 -7.40 -3.43 19.34
N ILE B 291 -6.49 -2.59 19.81
CA ILE B 291 -6.34 -2.27 21.22
C ILE B 291 -7.64 -1.64 21.74
N ARG B 292 -8.14 -0.64 21.03
CA ARG B 292 -9.36 0.06 21.38
C ARG B 292 -10.60 -0.82 21.45
N ALA B 293 -10.90 -1.53 20.35
CA ALA B 293 -12.10 -2.36 20.26
C ALA B 293 -12.02 -3.85 20.56
N ASN B 294 -10.81 -4.37 20.74
CA ASN B 294 -10.58 -5.79 21.00
C ASN B 294 -11.61 -6.71 20.37
N PRO B 295 -11.59 -6.79 19.03
CA PRO B 295 -12.52 -7.65 18.28
C PRO B 295 -12.08 -9.11 18.41
N GLY B 296 -12.06 -9.63 19.63
CA GLY B 296 -11.66 -11.01 19.86
C GLY B 296 -10.17 -11.29 19.66
N PHE B 297 -9.37 -10.23 19.69
CA PHE B 297 -7.94 -10.38 19.51
C PHE B 297 -7.24 -10.95 20.76
N LEU B 298 -7.76 -10.59 21.92
CA LEU B 298 -7.23 -11.05 23.23
C LEU B 298 -8.39 -11.38 24.20
N PRO B 299 -8.20 -12.34 25.14
CA PRO B 299 -9.26 -12.68 26.10
C PRO B 299 -9.66 -11.36 26.74
N GLU B 300 -10.92 -11.22 27.11
CA GLU B 300 -11.35 -9.94 27.65
C GLU B 300 -10.72 -9.48 28.94
N THR B 301 -10.45 -10.37 29.87
CA THR B 301 -9.85 -9.96 31.13
C THR B 301 -8.43 -9.44 30.92
N LEU B 302 -7.68 -10.12 30.06
CA LEU B 302 -6.30 -9.72 29.73
C LEU B 302 -6.30 -8.37 28.99
N ALA B 303 -7.27 -8.20 28.08
CA ALA B 303 -7.44 -7.00 27.30
C ALA B 303 -7.80 -5.82 28.20
N ASP B 304 -8.59 -6.09 29.24
CA ASP B 304 -8.96 -5.03 30.17
C ASP B 304 -7.79 -4.65 31.05
N ALA B 305 -7.05 -5.64 31.55
CA ALA B 305 -5.87 -5.41 32.38
C ALA B 305 -4.83 -4.59 31.63
N ALA B 306 -4.63 -4.94 30.35
CA ALA B 306 -3.63 -4.25 29.52
C ALA B 306 -3.90 -2.77 29.30
N ARG B 307 -5.17 -2.39 29.37
CA ARG B 307 -5.59 -1.00 29.15
C ARG B 307 -5.84 -0.22 30.45
N ARG B 308 -5.79 -0.92 31.57
CA ARG B 308 -6.05 -0.35 32.89
C ARG B 308 -4.74 0.15 33.47
N ASP B 309 -4.79 1.13 34.38
CA ASP B 309 -3.57 1.64 34.98
C ASP B 309 -3.01 0.57 35.91
N GLN B 310 -1.82 0.07 35.60
CA GLN B 310 -1.14 -0.96 36.39
C GLN B 310 0.01 -0.38 37.26
N ALA B 311 0.24 0.94 37.16
CA ALA B 311 1.33 1.59 37.89
C ALA B 311 0.90 2.59 38.96
N GLY B 312 -0.10 3.42 38.65
CA GLY B 312 -0.56 4.43 39.61
C GLY B 312 -0.36 5.81 39.04
N VAL B 313 -1.25 6.74 39.38
CA VAL B 313 -1.15 8.12 38.90
C VAL B 313 0.17 8.72 39.36
N GLY B 314 0.67 8.16 40.48
CA GLY B 314 1.93 8.61 41.05
C GLY B 314 3.10 8.40 40.12
N ALA B 315 2.91 7.57 39.10
CA ALA B 315 3.96 7.32 38.12
C ALA B 315 4.19 8.56 37.23
N GLU B 316 3.17 9.40 37.05
CA GLU B 316 3.29 10.62 36.23
C GLU B 316 4.04 10.37 34.91
N THR B 317 3.66 9.29 34.24
CA THR B 317 4.29 8.85 32.99
C THR B 317 4.38 9.90 31.87
N ARG B 318 3.42 10.82 31.80
CA ARG B 318 3.47 11.88 30.81
C ARG B 318 3.23 13.17 31.59
N GLY B 319 3.53 13.09 32.88
CA GLY B 319 3.31 14.21 33.78
C GLY B 319 2.18 13.79 34.71
N PRO B 320 1.70 14.69 35.57
CA PRO B 320 0.61 14.41 36.52
C PRO B 320 -0.65 13.93 35.81
N GLY B 321 -1.39 13.05 36.49
CA GLY B 321 -2.63 12.52 35.95
C GLY B 321 -2.49 11.29 35.08
N TRP B 322 -1.27 10.88 34.76
CA TRP B 322 -1.06 9.71 33.91
C TRP B 322 -0.47 8.46 34.55
N GLY B 323 -1.21 7.36 34.51
CA GLY B 323 -0.70 6.09 34.96
C GLY B 323 -0.06 5.34 33.78
N PHE B 324 -0.05 4.01 33.83
CA PHE B 324 0.54 3.21 32.75
C PHE B 324 0.05 1.77 32.85
N GLY B 325 -0.28 1.18 31.71
CA GLY B 325 -0.75 -0.19 31.71
C GLY B 325 0.26 -1.16 31.14
N TYR B 326 -0.16 -1.95 30.15
CA TYR B 326 0.72 -2.92 29.49
C TYR B 326 1.03 -2.47 28.05
N LEU B 327 0.47 -1.33 27.65
CA LEU B 327 0.61 -0.82 26.27
C LEU B 327 1.00 0.65 26.13
N SER B 328 0.81 1.45 27.17
CA SER B 328 1.09 2.89 27.08
C SER B 328 0.66 3.58 28.37
N ALA B 329 0.68 4.91 28.35
CA ALA B 329 0.23 5.67 29.50
C ALA B 329 -1.30 5.57 29.52
N VAL B 330 -1.90 5.70 30.71
CA VAL B 330 -3.37 5.64 30.85
C VAL B 330 -3.78 6.90 31.58
N LEU B 331 -4.74 7.63 31.06
CA LEU B 331 -5.19 8.85 31.73
C LEU B 331 -6.07 8.54 32.95
N ASP B 332 -5.57 8.87 34.15
CA ASP B 332 -6.33 8.66 35.39
C ASP B 332 -7.04 9.98 35.77
N ASP B 333 -6.38 11.12 35.52
CA ASP B 333 -6.90 12.44 35.91
C ASP B 333 -6.77 13.56 34.85
N PRO B 334 -7.82 13.76 34.03
CA PRO B 334 -7.87 14.78 32.97
C PRO B 334 -7.50 16.17 33.46
N ALA B 335 -8.05 16.54 34.61
CA ALA B 335 -7.80 17.82 35.23
C ALA B 335 -6.33 18.04 35.61
N ALA B 336 -5.71 17.09 36.31
CA ALA B 336 -4.30 17.23 36.70
C ALA B 336 -3.38 17.23 35.48
N ALA B 337 -3.83 16.54 34.43
CA ALA B 337 -3.06 16.44 33.20
C ALA B 337 -3.29 17.64 32.30
N GLY B 338 -4.31 18.44 32.58
CA GLY B 338 -4.59 19.63 31.79
C GLY B 338 -5.01 19.27 30.36
N THR B 339 -5.97 18.37 30.25
CA THR B 339 -6.39 17.92 28.95
C THR B 339 -7.88 17.67 28.87
N PRO B 340 -8.47 17.81 27.65
CA PRO B 340 -9.89 17.60 27.39
C PRO B 340 -10.19 16.10 27.15
N GLN B 341 -9.13 15.29 27.14
CA GLN B 341 -9.28 13.84 26.94
C GLN B 341 -9.99 13.21 28.14
N HIS B 342 -10.73 12.14 27.90
CA HIS B 342 -11.47 11.48 28.97
C HIS B 342 -10.64 10.50 29.76
N ALA B 343 -11.09 10.22 30.99
CA ALA B 343 -10.41 9.30 31.87
C ALA B 343 -10.34 7.97 31.13
N GLY B 344 -9.18 7.30 31.22
CA GLY B 344 -9.02 6.02 30.55
C GLY B 344 -8.38 6.11 29.16
N THR B 345 -8.03 7.32 28.73
CA THR B 345 -7.40 7.50 27.44
C THR B 345 -6.01 6.85 27.45
N LEU B 346 -5.69 6.15 26.35
CA LEU B 346 -4.41 5.50 26.18
C LEU B 346 -3.51 6.42 25.36
N GLN B 347 -2.25 6.56 25.74
CA GLN B 347 -1.39 7.42 24.97
C GLN B 347 0.09 7.18 25.15
N TRP B 348 0.82 7.43 24.06
CA TRP B 348 2.27 7.31 24.03
C TRP B 348 2.72 7.93 22.71
N GLY B 349 4.01 7.83 22.42
CA GLY B 349 4.54 8.42 21.22
C GLY B 349 5.79 7.74 20.70
N GLY B 350 6.64 8.50 20.01
CA GLY B 350 7.88 8.00 19.44
C GLY B 350 8.80 9.19 19.16
N VAL B 351 10.08 9.08 19.56
CA VAL B 351 11.08 10.14 19.41
C VAL B 351 11.34 10.62 17.97
N TYR B 352 10.85 9.89 16.99
CA TYR B 352 11.04 10.33 15.62
C TYR B 352 10.06 11.45 15.28
N GLY B 353 9.17 11.73 16.23
CA GLY B 353 8.18 12.76 16.05
C GLY B 353 6.77 12.24 15.90
N HIS B 354 6.38 11.27 16.72
CA HIS B 354 5.03 10.72 16.64
C HIS B 354 4.29 10.85 17.93
N SER B 355 2.97 10.75 17.82
CA SER B 355 2.10 10.88 18.95
C SER B 355 0.76 10.23 18.60
N TRP B 356 0.19 9.50 19.55
CA TRP B 356 -1.09 8.85 19.34
C TRP B 356 -1.85 8.72 20.67
N PHE B 357 -3.16 8.59 20.57
CA PHE B 357 -4.00 8.40 21.74
C PHE B 357 -5.36 7.79 21.36
N VAL B 358 -5.89 6.97 22.27
CA VAL B 358 -7.19 6.36 22.07
C VAL B 358 -8.07 6.79 23.24
N ASP B 359 -8.95 7.75 23.01
CA ASP B 359 -9.88 8.19 24.06
C ASP B 359 -10.99 7.17 24.00
N ARG B 360 -10.86 6.13 24.82
CA ARG B 360 -11.83 5.05 24.87
C ARG B 360 -13.30 5.44 25.01
N ALA B 361 -13.58 6.40 25.90
CA ALA B 361 -14.95 6.85 26.11
C ALA B 361 -15.56 7.39 24.81
N LEU B 362 -14.76 8.10 24.02
CA LEU B 362 -15.25 8.69 22.76
C LEU B 362 -15.15 7.76 21.55
N GLY B 363 -14.56 6.59 21.75
CA GLY B 363 -14.36 5.64 20.69
C GLY B 363 -13.36 6.21 19.67
N LEU B 364 -12.52 7.12 20.13
CA LEU B 364 -11.55 7.80 19.27
C LEU B 364 -10.16 7.25 19.20
N SER B 365 -9.62 7.18 17.98
CA SER B 365 -8.22 6.79 17.75
C SER B 365 -7.62 7.97 16.99
N VAL B 366 -6.63 8.61 17.59
CA VAL B 366 -5.97 9.75 16.97
C VAL B 366 -4.49 9.42 16.76
N LEU B 367 -4.05 9.46 15.51
CA LEU B 367 -2.67 9.13 15.18
C LEU B 367 -1.96 10.26 14.45
N LEU B 368 -0.74 10.57 14.87
CA LEU B 368 0.10 11.59 14.23
C LEU B 368 1.49 11.03 13.99
N LEU B 369 1.83 10.79 12.72
CA LEU B 369 3.16 10.31 12.40
C LEU B 369 3.87 11.41 11.65
N THR B 370 5.09 11.73 12.07
CA THR B 370 5.85 12.78 11.42
C THR B 370 7.32 12.46 11.22
N ASN B 371 7.97 13.30 10.41
CA ASN B 371 9.37 13.18 10.14
C ASN B 371 10.10 14.35 10.80
N THR B 372 9.49 14.95 11.82
CA THR B 372 10.14 16.04 12.52
C THR B 372 10.23 15.75 14.05
N ALA B 373 11.42 15.41 14.53
CA ALA B 373 11.72 15.12 15.96
C ALA B 373 12.21 16.42 16.62
N TYR B 374 11.66 16.87 17.74
CA TYR B 374 10.56 16.27 18.45
C TYR B 374 9.20 16.93 18.34
N GLU B 375 9.03 17.84 17.41
CA GLU B 375 7.77 18.58 17.25
C GLU B 375 6.54 17.68 17.17
N GLY B 376 6.66 16.64 16.34
CA GLY B 376 5.59 15.67 16.18
C GLY B 376 5.38 14.75 17.38
N MET B 377 6.29 14.79 18.35
CA MET B 377 6.17 13.96 19.56
C MET B 377 5.65 14.75 20.76
N SER B 378 6.28 15.88 21.03
CA SER B 378 5.90 16.70 22.18
C SER B 378 5.76 18.21 21.93
N GLY B 379 6.09 18.66 20.72
CA GLY B 379 6.01 20.07 20.43
C GLY B 379 4.61 20.64 20.49
N PRO B 380 4.47 21.96 20.36
CA PRO B 380 3.16 22.62 20.39
C PRO B 380 2.17 21.99 19.37
N LEU B 381 2.71 21.48 18.27
CA LEU B 381 1.91 20.83 17.22
C LEU B 381 0.93 19.81 17.80
N THR B 382 1.45 18.94 18.67
CA THR B 382 0.68 17.89 19.31
C THR B 382 -0.44 18.46 20.18
N ILE B 383 -0.15 19.54 20.90
CA ILE B 383 -1.16 20.17 21.75
C ILE B 383 -2.28 20.82 20.90
N ALA B 384 -1.90 21.54 19.85
CA ALA B 384 -2.85 22.19 18.94
C ALA B 384 -3.75 21.21 18.16
N LEU B 385 -3.20 20.07 17.80
CA LEU B 385 -4.00 19.08 17.10
C LEU B 385 -4.97 18.43 18.06
N ARG B 386 -4.51 18.20 19.29
CA ARG B 386 -5.36 17.57 20.29
C ARG B 386 -6.51 18.51 20.60
N ASP B 387 -6.21 19.79 20.79
CA ASP B 387 -7.24 20.78 21.10
C ASP B 387 -8.20 20.96 19.95
N ALA B 388 -7.69 20.89 18.72
CA ALA B 388 -8.55 21.01 17.56
C ALA B 388 -9.56 19.82 17.45
N VAL B 389 -9.14 18.63 17.87
CA VAL B 389 -10.02 17.47 17.83
C VAL B 389 -11.12 17.58 18.84
N TYR B 390 -10.89 18.37 19.87
CA TYR B 390 -11.87 18.56 20.94
C TYR B 390 -12.78 19.79 20.85
N ALA B 391 -12.35 20.80 20.08
CA ALA B 391 -13.04 22.08 19.84
C ALA B 391 -14.47 22.40 20.31
#